data_4DJZ
#
_entry.id   4DJZ
#
_cell.length_a   71.327
_cell.length_b   98.404
_cell.length_c   155.531
_cell.angle_alpha   90.00
_cell.angle_beta   90.00
_cell.angle_gamma   90.00
#
_symmetry.space_group_name_H-M   'P 21 21 21'
#
loop_
_entity.id
_entity.type
_entity.pdbx_description
1 polymer 'Mannan-binding lectin serine protease 1 heavy chain'
2 polymer 'Mannan-binding lectin serine protease 1 light chain'
3 polymer 'Protease inhibitor SGPI-2'
4 water water
#
loop_
_entity_poly.entity_id
_entity_poly.type
_entity_poly.pdbx_seq_one_letter_code
_entity_poly.pdbx_strand_id
1 'polypeptide(L)'
;ASMTGNECPELQPPVHGKIEPSQAKYFFKDQVLVSCDTGYKVLKDNVEMDTFQIECLKDGTWSNKIPTCKIVDCRAPGEL
EHGLITFSTRNNLTTYKSEIKYSCQEPYYKMLNNNTGIYTCSAQGVWMNKVLGRSLPTCLPVCGLPKFSRKLMAR
;
A,C
2 'polypeptide(L)'
;IFNGRPAQKGTTPWIAMLSHLNGQPFCGGSLLGSSWIVTAAHCLHQSLDPKDPTLRDSDLLSPSDFKIILGKHWRLRSDE
NEQHLGVKHTTLHPQYDPNTFENDVALVELLESPVLNAFVMPICLPEGPQQEGAMVIVSGWGKQFLQRFPETLMEIEIPI
VDHSTCQKAYAPLKKKVTRDMICAGEKEGGKDACAGDSGGPMVTLNRERGQWYLVGTVSWGDDCGKKDRYGVYSYIHHNK
DWIQRVTGVRN
;
B,D
3 'polypeptide(L)' GSGEVTCEPGTTFKDKCNTCRCGSDGKSAFCTRKLCYQ H,I
#
# COMPACT_ATOMS: atom_id res chain seq x y z
N THR A 4 18.05 25.92 -65.55
CA THR A 4 17.79 24.94 -66.65
C THR A 4 16.47 25.21 -67.38
N GLY A 5 15.46 25.65 -66.63
CA GLY A 5 14.19 26.09 -67.20
C GLY A 5 13.95 27.56 -66.91
N ASN A 6 12.76 27.89 -66.44
CA ASN A 6 12.46 29.23 -65.98
C ASN A 6 12.40 29.30 -64.46
N GLU A 7 12.84 30.42 -63.90
CA GLU A 7 12.97 30.58 -62.45
C GLU A 7 11.64 31.00 -61.80
N CYS A 8 11.47 30.63 -60.53
CA CYS A 8 10.21 30.83 -59.81
C CYS A 8 10.44 31.56 -58.49
N PRO A 9 9.52 32.47 -58.12
CA PRO A 9 9.73 33.34 -56.95
C PRO A 9 10.04 32.56 -55.67
N GLU A 10 11.04 33.05 -54.93
CA GLU A 10 11.43 32.46 -53.64
C GLU A 10 10.21 32.45 -52.72
N LEU A 11 9.91 31.28 -52.17
CA LEU A 11 8.68 31.08 -51.41
C LEU A 11 8.72 31.62 -49.97
N GLN A 12 7.62 32.25 -49.58
CA GLN A 12 7.48 32.80 -48.24
C GLN A 12 6.79 31.73 -47.39
N PRO A 13 7.54 31.16 -46.42
CA PRO A 13 7.06 30.02 -45.62
C PRO A 13 5.81 30.36 -44.80
N PRO A 14 4.96 29.35 -44.51
CA PRO A 14 3.76 29.61 -43.71
C PRO A 14 4.09 29.76 -42.23
N VAL A 15 3.22 30.46 -41.51
CA VAL A 15 3.38 30.63 -40.07
C VAL A 15 3.12 29.29 -39.39
N HIS A 16 4.06 28.89 -38.54
CA HIS A 16 4.02 27.62 -37.83
C HIS A 16 4.15 26.46 -38.78
N GLY A 17 4.99 26.61 -39.81
CA GLY A 17 5.12 25.58 -40.83
C GLY A 17 6.36 25.57 -41.70
N LYS A 18 6.92 24.39 -41.89
CA LYS A 18 8.11 24.19 -42.72
C LYS A 18 7.80 24.24 -44.21
N ILE A 19 8.88 24.13 -45.00
CA ILE A 19 8.84 23.89 -46.44
C ILE A 19 10.05 23.04 -46.81
N GLU A 20 9.82 21.93 -47.50
CA GLU A 20 10.89 21.13 -48.06
C GLU A 20 10.61 20.86 -49.55
N PRO A 21 11.67 20.78 -50.37
CA PRO A 21 13.07 21.02 -49.99
C PRO A 21 13.40 22.50 -50.04
N SER A 22 14.22 22.96 -49.10
CA SER A 22 14.64 24.35 -49.10
C SER A 22 15.77 24.51 -50.10
N GLN A 23 15.61 25.48 -51.00
CA GLN A 23 16.56 25.70 -52.08
C GLN A 23 16.82 27.19 -52.26
N ALA A 24 18.01 27.50 -52.77
CA ALA A 24 18.39 28.86 -53.12
C ALA A 24 17.44 29.42 -54.18
N LYS A 25 17.29 28.71 -55.29
CA LYS A 25 16.35 29.10 -56.33
C LYS A 25 15.45 27.91 -56.70
N TYR A 26 14.30 28.22 -57.29
CA TYR A 26 13.35 27.21 -57.73
C TYR A 26 13.07 27.36 -59.22
N PHE A 27 13.05 26.25 -59.94
CA PHE A 27 12.90 26.29 -61.39
C PHE A 27 11.70 25.52 -61.90
N PHE A 28 11.56 25.46 -63.23
CA PHE A 28 10.48 24.72 -63.86
C PHE A 28 10.58 23.24 -63.48
N LYS A 29 9.41 22.63 -63.26
CA LYS A 29 9.26 21.21 -62.94
C LYS A 29 9.53 20.88 -61.47
N ASP A 30 10.10 21.83 -60.72
CA ASP A 30 10.34 21.64 -59.28
C ASP A 30 9.03 21.64 -58.51
N GLN A 31 9.02 20.93 -57.39
CA GLN A 31 7.82 20.81 -56.54
C GLN A 31 8.18 20.71 -55.07
N VAL A 32 7.41 21.39 -54.23
CA VAL A 32 7.72 21.48 -52.80
C VAL A 32 6.55 21.01 -51.92
N LEU A 33 6.84 20.73 -50.66
CA LEU A 33 5.83 20.31 -49.70
C LEU A 33 5.74 21.24 -48.51
N VAL A 34 4.53 21.69 -48.22
CA VAL A 34 4.28 22.59 -47.11
C VAL A 34 3.78 21.79 -45.92
N SER A 35 4.51 21.83 -44.81
CA SER A 35 4.11 21.13 -43.60
C SER A 35 3.89 22.12 -42.47
N CYS A 36 3.29 21.65 -41.38
CA CYS A 36 3.10 22.48 -40.19
C CYS A 36 3.71 21.81 -38.97
N ASP A 37 4.05 22.63 -37.97
CA ASP A 37 4.59 22.14 -36.70
C ASP A 37 3.69 21.08 -36.08
N THR A 38 4.26 20.30 -35.15
CA THR A 38 3.49 19.39 -34.30
C THR A 38 2.42 20.19 -33.56
N GLY A 39 1.17 19.82 -33.78
CA GLY A 39 0.03 20.49 -33.15
C GLY A 39 -0.72 21.40 -34.10
N TYR A 40 -0.32 21.39 -35.37
CA TYR A 40 -0.94 22.21 -36.40
C TYR A 40 -1.16 21.40 -37.67
N LYS A 41 -2.25 21.68 -38.36
CA LYS A 41 -2.51 21.12 -39.69
C LYS A 41 -2.55 22.24 -40.73
N VAL A 42 -2.51 21.85 -42.00
CA VAL A 42 -2.55 22.81 -43.11
C VAL A 42 -4.01 23.04 -43.53
N LEU A 43 -4.40 24.30 -43.63
CA LEU A 43 -5.76 24.64 -44.05
C LEU A 43 -5.80 25.18 -45.48
N LYS A 44 -6.38 24.38 -46.36
CA LYS A 44 -6.81 24.86 -47.66
C LYS A 44 -8.33 24.89 -47.65
N ASP A 45 -8.88 26.10 -47.70
CA ASP A 45 -10.33 26.28 -47.61
C ASP A 45 -11.01 25.09 -48.28
N ASN A 46 -11.72 24.27 -47.50
CA ASN A 46 -11.97 24.48 -46.06
C ASN A 46 -11.52 23.26 -45.24
N VAL A 47 -10.45 22.61 -45.68
CA VAL A 47 -10.03 21.30 -45.12
C VAL A 47 -8.63 21.27 -44.51
N GLU A 48 -8.48 20.50 -43.44
CA GLU A 48 -7.21 20.39 -42.70
C GLU A 48 -6.44 19.12 -43.06
N MET A 49 -5.37 19.30 -43.85
CA MET A 49 -4.53 18.20 -44.32
C MET A 49 -3.14 18.30 -43.71
N ASP A 50 -2.36 17.23 -43.85
CA ASP A 50 -1.02 17.14 -43.23
C ASP A 50 0.05 17.87 -44.03
N THR A 51 0.08 17.65 -45.35
CA THR A 51 0.94 18.39 -46.26
C THR A 51 0.10 18.99 -47.38
N PHE A 52 0.65 19.97 -48.08
CA PHE A 52 0.01 20.53 -49.26
C PHE A 52 1.08 20.81 -50.31
N GLN A 53 0.81 20.43 -51.55
CA GLN A 53 1.83 20.43 -52.60
C GLN A 53 1.60 21.50 -53.65
N ILE A 54 2.70 22.09 -54.14
CA ILE A 54 2.68 22.99 -55.29
C ILE A 54 3.89 22.77 -56.21
N GLU A 55 3.67 22.85 -57.52
CA GLU A 55 4.73 22.77 -58.52
C GLU A 55 5.00 24.14 -59.12
N CYS A 56 6.11 24.27 -59.84
CA CYS A 56 6.32 25.48 -60.63
C CYS A 56 6.13 25.23 -62.12
N LEU A 57 5.42 26.16 -62.75
CA LEU A 57 4.97 26.01 -64.13
C LEU A 57 5.96 26.59 -65.16
N LYS A 58 5.73 26.28 -66.43
CA LYS A 58 6.62 26.72 -67.53
C LYS A 58 6.79 28.23 -67.54
N ASP A 59 5.71 28.94 -67.21
CA ASP A 59 5.68 30.40 -67.15
C ASP A 59 6.34 30.98 -65.89
N GLY A 60 6.95 30.12 -65.10
CA GLY A 60 7.74 30.55 -63.94
C GLY A 60 6.97 30.88 -62.68
N THR A 61 5.65 30.70 -62.72
CA THR A 61 4.80 31.01 -61.58
C THR A 61 4.48 29.74 -60.81
N TRP A 62 4.10 29.90 -59.54
CA TRP A 62 3.69 28.75 -58.71
C TRP A 62 2.28 28.34 -59.03
N SER A 63 2.03 27.03 -58.91
CA SER A 63 0.73 26.46 -59.25
C SER A 63 -0.41 26.91 -58.32
N ASN A 64 -0.07 27.19 -57.07
CA ASN A 64 -1.04 27.67 -56.08
C ASN A 64 -0.40 28.59 -55.04
N LYS A 65 -1.22 29.45 -54.44
CA LYS A 65 -0.79 30.29 -53.33
C LYS A 65 -0.46 29.43 -52.11
N ILE A 66 0.35 29.97 -51.21
CA ILE A 66 0.73 29.28 -49.97
C ILE A 66 -0.47 29.25 -49.00
N PRO A 67 -0.85 28.06 -48.51
CA PRO A 67 -1.90 27.96 -47.50
C PRO A 67 -1.37 28.28 -46.10
N THR A 68 -2.25 28.21 -45.11
CA THR A 68 -1.89 28.62 -43.75
C THR A 68 -2.13 27.49 -42.77
N CYS A 69 -1.40 27.49 -41.66
CA CYS A 69 -1.54 26.44 -40.65
C CYS A 69 -2.55 26.83 -39.56
N LYS A 70 -3.64 26.08 -39.48
CA LYS A 70 -4.62 26.26 -38.41
C LYS A 70 -4.32 25.27 -37.28
N ILE A 71 -4.38 25.77 -36.05
CA ILE A 71 -4.06 24.97 -34.87
C ILE A 71 -5.01 23.79 -34.69
N VAL A 72 -4.48 22.70 -34.15
CA VAL A 72 -5.27 21.53 -33.79
C VAL A 72 -6.21 21.88 -32.63
N ASP A 73 -7.50 21.61 -32.82
CA ASP A 73 -8.48 21.87 -31.78
C ASP A 73 -9.26 20.62 -31.47
N CYS A 74 -8.95 20.02 -30.32
CA CYS A 74 -9.79 18.95 -29.77
C CYS A 74 -10.95 19.67 -29.08
N ARG A 75 -12.18 19.34 -29.50
CA ARG A 75 -13.33 20.20 -29.21
C ARG A 75 -13.71 20.35 -27.73
N ALA A 76 -14.68 19.56 -27.27
CA ALA A 76 -15.19 19.72 -25.92
C ALA A 76 -14.93 18.47 -25.09
N PRO A 77 -14.33 18.64 -23.90
CA PRO A 77 -14.07 17.51 -23.03
C PRO A 77 -15.35 16.79 -22.68
N GLY A 78 -15.29 15.45 -22.62
CA GLY A 78 -16.46 14.62 -22.28
C GLY A 78 -16.93 14.86 -20.86
N GLU A 79 -18.24 14.77 -20.65
CA GLU A 79 -18.83 15.06 -19.35
C GLU A 79 -18.44 14.00 -18.34
N LEU A 80 -18.29 14.42 -17.09
CA LEU A 80 -18.04 13.49 -16.00
C LEU A 80 -19.23 13.49 -15.03
N GLU A 81 -19.80 12.31 -14.81
CA GLU A 81 -20.93 12.17 -13.89
C GLU A 81 -20.47 12.39 -12.45
N HIS A 82 -21.21 13.22 -11.72
CA HIS A 82 -20.81 13.68 -10.39
C HIS A 82 -19.44 14.32 -10.43
N GLY A 83 -19.23 15.12 -11.47
CA GLY A 83 -17.93 15.73 -11.71
C GLY A 83 -18.10 17.08 -12.38
N LEU A 84 -17.04 17.87 -12.36
CA LEU A 84 -17.04 19.18 -13.01
C LEU A 84 -15.70 19.46 -13.68
N ILE A 85 -15.76 20.12 -14.84
CA ILE A 85 -14.58 20.47 -15.62
C ILE A 85 -14.19 21.92 -15.33
N THR A 86 -12.91 22.15 -15.11
CA THR A 86 -12.37 23.51 -14.99
C THR A 86 -11.18 23.71 -15.94
N PHE A 87 -11.13 24.90 -16.54
CA PHE A 87 -10.14 25.23 -17.56
C PHE A 87 -8.98 26.02 -16.96
N SER A 88 -7.84 25.99 -17.65
CA SER A 88 -6.65 26.71 -17.19
C SER A 88 -6.61 28.14 -17.75
N THR A 89 -7.64 28.51 -18.50
CA THR A 89 -7.79 29.86 -19.03
C THR A 89 -9.23 30.38 -18.95
N ARG A 90 -9.38 31.69 -18.81
CA ARG A 90 -10.69 32.34 -18.74
C ARG A 90 -11.47 32.25 -20.05
N ASN A 91 -10.76 32.30 -21.18
CA ASN A 91 -11.37 32.22 -22.51
C ASN A 91 -11.82 30.82 -22.94
N ASN A 92 -11.61 29.83 -22.05
CA ASN A 92 -11.98 28.43 -22.29
C ASN A 92 -11.26 27.78 -23.47
N LEU A 93 -9.93 27.85 -23.45
CA LEU A 93 -9.08 27.26 -24.51
C LEU A 93 -9.26 25.74 -24.64
N THR A 94 -9.35 25.28 -25.88
CA THR A 94 -9.50 23.85 -26.19
C THR A 94 -8.52 23.43 -27.29
N THR A 95 -7.68 24.36 -27.69
CA THR A 95 -6.72 24.14 -28.76
C THR A 95 -5.53 23.31 -28.29
N TYR A 96 -4.43 23.34 -29.04
CA TYR A 96 -3.26 22.50 -28.77
C TYR A 96 -2.56 22.83 -27.46
N LYS A 97 -2.15 21.79 -26.74
CA LYS A 97 -1.42 21.91 -25.48
C LYS A 97 -2.12 22.60 -24.30
N SER A 98 -3.41 22.87 -24.41
CA SER A 98 -4.14 23.50 -23.29
C SER A 98 -4.75 22.46 -22.36
N GLU A 99 -4.72 22.76 -21.04
CA GLU A 99 -5.07 21.79 -20.00
C GLU A 99 -6.41 22.04 -19.32
N ILE A 100 -7.06 20.95 -18.91
CA ILE A 100 -8.27 21.02 -18.08
C ILE A 100 -8.15 20.05 -16.90
N LYS A 101 -8.71 20.44 -15.77
CA LYS A 101 -8.72 19.61 -14.58
C LYS A 101 -10.12 19.10 -14.27
N TYR A 102 -10.28 17.77 -14.28
CA TYR A 102 -11.54 17.15 -13.89
C TYR A 102 -11.61 17.09 -12.38
N SER A 103 -12.48 17.92 -11.81
CA SER A 103 -12.78 17.86 -10.39
C SER A 103 -14.01 16.98 -10.15
N CYS A 104 -14.20 16.58 -8.90
CA CYS A 104 -15.12 15.53 -8.53
C CYS A 104 -15.96 16.09 -7.39
N GLN A 105 -17.28 16.13 -7.59
CA GLN A 105 -18.20 16.92 -6.73
C GLN A 105 -18.19 16.59 -5.24
N GLU A 106 -18.05 17.64 -4.45
CA GLU A 106 -17.94 17.53 -2.99
C GLU A 106 -19.30 17.61 -2.30
N PRO A 107 -19.43 16.99 -1.11
CA PRO A 107 -18.46 16.17 -0.41
C PRO A 107 -18.82 14.68 -0.44
N TYR A 108 -19.63 14.29 -1.42
CA TYR A 108 -20.12 12.92 -1.53
C TYR A 108 -19.31 12.06 -2.49
N TYR A 109 -18.41 12.69 -3.24
CA TYR A 109 -17.60 11.98 -4.22
C TYR A 109 -16.13 12.31 -4.18
N LYS A 110 -15.31 11.33 -4.52
CA LYS A 110 -13.88 11.50 -4.64
C LYS A 110 -13.40 10.78 -5.88
N MET A 111 -12.16 11.06 -6.27
CA MET A 111 -11.60 10.47 -7.48
C MET A 111 -10.81 9.20 -7.21
N LEU A 112 -10.81 8.29 -8.18
CA LEU A 112 -10.02 7.07 -8.10
C LEU A 112 -8.52 7.33 -8.08
N ASN A 113 -7.81 6.48 -7.33
CA ASN A 113 -6.35 6.53 -7.21
C ASN A 113 -5.79 7.93 -6.92
N ASN A 114 -6.67 8.84 -6.50
CA ASN A 114 -6.34 10.26 -6.36
C ASN A 114 -5.38 10.72 -7.46
N ASN A 115 -5.76 10.46 -8.72
CA ASN A 115 -4.87 10.70 -9.85
C ASN A 115 -4.70 12.19 -10.15
N THR A 116 -3.75 12.51 -11.03
CA THR A 116 -3.50 13.89 -11.44
C THR A 116 -4.79 14.60 -11.90
N GLY A 117 -5.68 13.88 -12.57
CA GLY A 117 -6.98 14.41 -12.99
C GLY A 117 -6.91 15.48 -14.06
N ILE A 118 -5.72 15.66 -14.64
CA ILE A 118 -5.47 16.70 -15.64
C ILE A 118 -5.48 16.15 -17.05
N TYR A 119 -6.14 16.86 -17.95
CA TYR A 119 -6.26 16.45 -19.34
C TYR A 119 -5.82 17.56 -20.27
N THR A 120 -4.78 17.27 -21.05
CA THR A 120 -4.23 18.22 -22.01
C THR A 120 -4.47 17.69 -23.42
N CYS A 121 -4.48 18.60 -24.40
CA CYS A 121 -4.74 18.22 -25.78
C CYS A 121 -3.52 17.68 -26.53
N SER A 122 -3.64 16.45 -27.01
CA SER A 122 -2.61 15.83 -27.85
C SER A 122 -2.67 16.41 -29.25
N ALA A 123 -1.54 16.40 -29.95
CA ALA A 123 -1.48 16.88 -31.33
C ALA A 123 -2.34 16.03 -32.26
N GLN A 124 -2.80 14.89 -31.77
CA GLN A 124 -3.72 14.04 -32.50
C GLN A 124 -5.17 14.47 -32.30
N GLY A 125 -5.34 15.66 -31.72
CA GLY A 125 -6.66 16.26 -31.53
C GLY A 125 -7.52 15.56 -30.49
N VAL A 126 -6.89 15.16 -29.38
CA VAL A 126 -7.57 14.32 -28.39
C VAL A 126 -7.17 14.69 -26.95
N TRP A 127 -8.19 14.86 -26.10
CA TRP A 127 -8.00 15.16 -24.68
C TRP A 127 -7.36 14.01 -23.96
N MET A 128 -6.19 14.23 -23.39
CA MET A 128 -5.40 13.11 -22.87
C MET A 128 -4.77 13.27 -21.50
N ASN A 129 -4.67 12.13 -20.82
CA ASN A 129 -4.09 12.03 -19.49
C ASN A 129 -2.98 10.99 -19.54
N LYS A 130 -1.78 11.35 -19.07
CA LYS A 130 -0.64 10.46 -19.16
C LYS A 130 -0.71 9.25 -18.21
N VAL A 131 -1.78 9.19 -17.42
CA VAL A 131 -2.04 8.04 -16.56
C VAL A 131 -3.07 7.13 -17.23
N LEU A 132 -4.22 7.70 -17.59
CA LEU A 132 -5.34 6.93 -18.13
C LEU A 132 -5.37 6.88 -19.66
N GLY A 133 -5.13 8.02 -20.29
CA GLY A 133 -5.17 8.12 -21.74
C GLY A 133 -6.37 8.94 -22.18
N ARG A 134 -7.20 8.35 -23.02
CA ARG A 134 -8.45 8.97 -23.44
C ARG A 134 -9.55 8.64 -22.45
N SER A 135 -9.31 7.60 -21.64
CA SER A 135 -10.27 7.13 -20.64
C SER A 135 -10.47 8.20 -19.57
N LEU A 136 -11.74 8.46 -19.22
CA LEU A 136 -12.07 9.47 -18.24
C LEU A 136 -11.85 8.97 -16.81
N PRO A 137 -11.70 9.91 -15.85
CA PRO A 137 -11.58 9.50 -14.44
C PRO A 137 -12.89 8.93 -13.93
N THR A 138 -12.83 8.28 -12.79
CA THR A 138 -14.01 7.69 -12.17
C THR A 138 -14.21 8.34 -10.80
N CYS A 139 -15.44 8.80 -10.57
CA CYS A 139 -15.81 9.47 -9.34
C CYS A 139 -16.58 8.51 -8.41
N LEU A 140 -16.03 8.26 -7.22
CA LEU A 140 -16.55 7.23 -6.30
C LEU A 140 -17.27 7.81 -5.10
N PRO A 141 -18.35 7.15 -4.64
CA PRO A 141 -19.06 7.52 -3.42
C PRO A 141 -18.13 7.60 -2.19
N VAL A 142 -18.41 8.54 -1.29
CA VAL A 142 -17.65 8.67 -0.06
C VAL A 142 -18.36 7.89 1.06
N CYS A 143 -17.69 6.85 1.55
CA CYS A 143 -18.23 5.99 2.60
C CYS A 143 -18.31 6.69 3.96
N GLY A 144 -18.89 5.99 4.93
CA GLY A 144 -18.81 6.28 6.37
C GLY A 144 -18.40 7.63 6.92
N LEU A 145 -18.96 8.70 6.36
CA LEU A 145 -18.73 10.05 6.87
C LEU A 145 -20.05 10.82 7.06
N PRO A 146 -20.80 10.46 8.12
CA PRO A 146 -22.09 11.10 8.41
C PRO A 146 -21.93 12.59 8.69
N LYS A 147 -22.90 13.39 8.24
CA LYS A 147 -22.88 14.84 8.48
C LYS A 147 -23.24 15.20 9.91
N PHE A 148 -23.95 14.30 10.58
CA PHE A 148 -24.41 14.52 11.95
C PHE A 148 -23.74 13.55 12.90
N SER A 149 -23.41 14.04 14.09
CA SER A 149 -23.00 13.19 15.20
C SER A 149 -24.10 13.23 16.26
N ARG A 150 -24.07 12.28 17.20
CA ARG A 150 -25.10 12.18 18.24
C ARG A 150 -25.02 13.28 19.30
N LYS A 151 -26.12 13.43 20.05
CA LYS A 151 -26.31 14.50 21.03
C LYS A 151 -25.36 14.40 22.23
N ILE B 1 -34.77 -4.38 18.71
CA ILE B 1 -33.54 -3.96 19.44
C ILE B 1 -33.82 -3.83 20.94
N PHE B 2 -33.29 -4.77 21.71
CA PHE B 2 -33.55 -4.89 23.14
C PHE B 2 -32.84 -3.83 23.98
N ASN B 3 -33.61 -3.16 24.84
CA ASN B 3 -33.09 -2.09 25.70
C ASN B 3 -32.28 -1.04 24.92
N GLY B 4 -32.85 -0.59 23.80
CA GLY B 4 -32.18 0.30 22.87
C GLY B 4 -32.46 1.77 23.07
N ARG B 5 -31.64 2.58 22.41
CA ARG B 5 -31.80 4.03 22.39
C ARG B 5 -32.19 4.43 20.97
N PRO B 6 -33.16 5.37 20.85
CA PRO B 6 -33.59 5.87 19.54
C PRO B 6 -32.45 6.47 18.75
N ALA B 7 -32.25 6.00 17.52
CA ALA B 7 -31.23 6.54 16.63
C ALA B 7 -31.52 7.99 16.30
N GLN B 8 -30.47 8.80 16.19
CA GLN B 8 -30.64 10.22 15.89
C GLN B 8 -30.62 10.46 14.40
N LYS B 9 -31.58 11.26 13.93
CA LYS B 9 -31.84 11.48 12.51
C LYS B 9 -30.58 11.93 11.77
N GLY B 10 -29.96 11.00 11.05
CA GLY B 10 -28.80 11.31 10.21
C GLY B 10 -27.47 10.72 10.66
N THR B 11 -27.45 10.04 11.80
CA THR B 11 -26.22 9.44 12.33
C THR B 11 -25.97 8.03 11.78
N THR B 12 -26.90 7.52 10.98
CA THR B 12 -26.77 6.19 10.39
C THR B 12 -27.29 6.19 8.94
N PRO B 13 -26.64 6.98 8.04
CA PRO B 13 -27.19 7.16 6.69
C PRO B 13 -27.12 5.93 5.78
N TRP B 14 -26.31 4.95 6.15
CA TRP B 14 -26.15 3.72 5.38
C TRP B 14 -27.25 2.70 5.54
N ILE B 15 -28.06 2.88 6.58
CA ILE B 15 -29.11 1.93 6.93
C ILE B 15 -30.15 1.80 5.82
N ALA B 16 -30.47 0.56 5.47
CA ALA B 16 -31.45 0.25 4.44
C ALA B 16 -32.52 -0.64 5.00
N MET B 17 -33.76 -0.45 4.52
CA MET B 17 -34.86 -1.32 4.91
C MET B 17 -35.22 -2.23 3.77
N LEU B 18 -35.41 -3.51 4.08
CA LEU B 18 -35.91 -4.49 3.14
C LEU B 18 -37.37 -4.73 3.46
N SER B 19 -38.26 -4.25 2.60
CA SER B 19 -39.71 -4.39 2.80
C SER B 19 -40.43 -4.86 1.54
N HIS B 20 -41.49 -5.65 1.75
CA HIS B 20 -42.31 -6.16 0.65
C HIS B 20 -42.95 -5.03 -0.09
N LEU B 21 -43.33 -5.28 -1.34
CA LEU B 21 -44.05 -4.28 -2.12
C LEU B 21 -45.22 -3.73 -1.30
N ASN B 22 -45.61 -4.53 -0.31
CA ASN B 22 -46.62 -4.20 0.69
C ASN B 22 -46.27 -2.97 1.55
N GLY B 23 -44.99 -2.78 1.84
CA GLY B 23 -44.54 -1.67 2.69
C GLY B 23 -44.00 -2.17 4.01
N GLN B 24 -44.54 -3.32 4.45
CA GLN B 24 -44.15 -3.99 5.69
C GLN B 24 -42.72 -4.54 5.65
N PRO B 25 -41.85 -4.08 6.59
CA PRO B 25 -40.43 -4.44 6.71
C PRO B 25 -40.18 -5.87 7.21
N PHE B 26 -39.03 -6.42 6.85
CA PHE B 26 -38.67 -7.78 7.30
C PHE B 26 -37.17 -8.03 7.52
N CYS B 27 -36.32 -7.15 6.99
CA CYS B 27 -34.88 -7.23 7.22
C CYS B 27 -34.20 -5.86 7.14
N GLY B 28 -32.97 -5.79 7.64
CA GLY B 28 -32.14 -4.60 7.53
C GLY B 28 -31.10 -4.77 6.44
N GLY B 29 -30.44 -3.67 6.07
CA GLY B 29 -29.41 -3.69 5.04
C GLY B 29 -28.50 -2.49 5.17
N SER B 30 -27.36 -2.53 4.49
CA SER B 30 -26.41 -1.43 4.55
C SER B 30 -25.88 -1.14 3.16
N LEU B 31 -25.91 0.13 2.79
CA LEU B 31 -25.52 0.55 1.45
C LEU B 31 -24.03 0.42 1.24
N LEU B 32 -23.64 -0.31 0.20
CA LEU B 32 -22.25 -0.40 -0.20
C LEU B 32 -22.07 0.24 -1.56
N GLY B 33 -21.00 1.02 -1.70
CA GLY B 33 -20.73 1.70 -2.96
C GLY B 33 -21.93 2.49 -3.43
N SER B 34 -22.12 2.55 -4.74
CA SER B 34 -23.17 3.40 -5.31
C SER B 34 -24.53 2.69 -5.38
N SER B 35 -24.52 1.40 -5.71
CA SER B 35 -25.79 0.69 -5.96
C SER B 35 -25.80 -0.77 -5.48
N TRP B 36 -25.39 -0.99 -4.24
CA TRP B 36 -25.33 -2.32 -3.67
C TRP B 36 -25.77 -2.30 -2.24
N ILE B 37 -26.51 -3.32 -1.84
CA ILE B 37 -26.86 -3.48 -0.43
C ILE B 37 -26.43 -4.84 0.11
N VAL B 38 -25.79 -4.80 1.28
CA VAL B 38 -25.33 -6.01 1.94
C VAL B 38 -26.35 -6.40 2.99
N THR B 39 -26.54 -7.70 3.17
CA THR B 39 -27.52 -8.21 4.13
C THR B 39 -27.16 -9.62 4.59
N ALA B 40 -27.96 -10.17 5.49
CA ALA B 40 -27.87 -11.57 5.85
C ALA B 40 -28.48 -12.36 4.71
N ALA B 41 -27.87 -13.49 4.39
CA ALA B 41 -28.35 -14.31 3.28
C ALA B 41 -29.77 -14.81 3.54
N HIS B 42 -30.03 -15.28 4.75
CA HIS B 42 -31.32 -15.88 5.10
C HIS B 42 -32.50 -14.95 4.95
N CYS B 43 -32.22 -13.65 4.91
CA CYS B 43 -33.24 -12.64 4.59
C CYS B 43 -33.85 -12.92 3.23
N LEU B 44 -33.02 -13.40 2.31
CA LEU B 44 -33.36 -13.46 0.91
C LEU B 44 -33.88 -14.80 0.39
N HIS B 45 -34.36 -15.65 1.28
CA HIS B 45 -34.98 -16.91 0.84
C HIS B 45 -36.10 -17.38 1.74
N GLN B 46 -37.13 -17.95 1.11
CA GLN B 46 -38.23 -18.58 1.83
C GLN B 46 -37.73 -19.85 2.51
N SER B 47 -38.23 -20.10 3.71
CA SER B 47 -37.74 -21.15 4.60
C SER B 47 -37.69 -22.52 3.92
N LEU B 48 -36.46 -22.99 3.66
CA LEU B 48 -36.21 -24.26 2.99
C LEU B 48 -36.83 -25.44 3.75
N ASP B 49 -37.32 -26.44 3.00
CA ASP B 49 -37.92 -27.62 3.60
C ASP B 49 -36.87 -28.50 4.26
N PRO B 50 -37.10 -28.90 5.53
CA PRO B 50 -36.14 -29.69 6.30
C PRO B 50 -35.85 -31.05 5.68
N LYS B 51 -36.80 -31.61 4.95
CA LYS B 51 -36.63 -32.89 4.27
C LYS B 51 -35.54 -32.83 3.20
N ASP B 52 -35.28 -31.63 2.66
CA ASP B 52 -34.20 -31.42 1.69
C ASP B 52 -33.44 -30.13 2.00
N PRO B 53 -32.50 -30.19 2.95
CA PRO B 53 -31.78 -29.00 3.46
C PRO B 53 -30.90 -28.27 2.45
N THR B 54 -31.07 -28.56 1.16
CA THR B 54 -30.33 -27.89 0.07
C THR B 54 -31.11 -26.70 -0.51
N LEU B 55 -30.43 -25.90 -1.34
CA LEU B 55 -31.00 -24.66 -1.88
C LEU B 55 -31.42 -24.77 -3.35
N ARG B 56 -32.36 -23.93 -3.76
CA ARG B 56 -32.89 -23.91 -5.12
C ARG B 56 -33.15 -22.50 -5.60
N ASP B 57 -33.17 -22.31 -6.92
CA ASP B 57 -33.58 -21.05 -7.54
C ASP B 57 -35.00 -20.70 -7.12
N SER B 58 -35.87 -21.70 -7.10
CA SER B 58 -37.28 -21.55 -6.76
C SER B 58 -37.50 -21.15 -5.29
N ASP B 59 -36.51 -21.40 -4.45
CA ASP B 59 -36.59 -21.09 -3.02
C ASP B 59 -36.23 -19.64 -2.73
N LEU B 60 -35.35 -19.07 -3.55
CA LEU B 60 -34.87 -17.71 -3.37
C LEU B 60 -35.96 -16.68 -3.65
N LEU B 61 -36.04 -15.68 -2.79
CA LEU B 61 -37.01 -14.60 -2.94
C LEU B 61 -36.72 -13.88 -4.25
N SER B 62 -37.77 -13.61 -5.02
CA SER B 62 -37.65 -12.97 -6.33
C SER B 62 -37.47 -11.46 -6.23
N PRO B 63 -36.63 -10.86 -7.13
CA PRO B 63 -36.37 -9.42 -7.22
C PRO B 63 -37.61 -8.56 -7.39
N SER B 64 -38.66 -9.12 -8.01
CA SER B 64 -39.90 -8.39 -8.21
C SER B 64 -40.75 -8.32 -6.95
N ASP B 65 -40.46 -9.16 -5.96
CA ASP B 65 -41.31 -9.30 -4.79
C ASP B 65 -40.87 -8.55 -3.53
N PHE B 66 -39.89 -7.66 -3.67
CA PHE B 66 -39.49 -6.77 -2.56
C PHE B 66 -38.79 -5.48 -3.04
N LYS B 67 -38.82 -4.46 -2.18
CA LYS B 67 -38.18 -3.18 -2.47
C LYS B 67 -37.22 -2.75 -1.36
N ILE B 68 -36.31 -1.85 -1.70
CA ILE B 68 -35.36 -1.28 -0.74
C ILE B 68 -35.74 0.16 -0.43
N ILE B 69 -35.67 0.51 0.85
CA ILE B 69 -35.93 1.88 1.28
C ILE B 69 -34.69 2.48 1.95
N LEU B 70 -34.26 3.62 1.45
CA LEU B 70 -33.11 4.32 2.01
C LEU B 70 -33.48 5.69 2.58
N GLY B 71 -32.82 6.07 3.67
CA GLY B 71 -33.07 7.33 4.33
C GLY B 71 -34.32 7.30 5.18
N LYS B 72 -34.68 6.11 5.67
CA LYS B 72 -35.85 5.96 6.50
C LYS B 72 -35.52 6.11 7.98
N HIS B 73 -36.44 6.74 8.71
CA HIS B 73 -36.29 6.91 10.14
C HIS B 73 -37.44 6.26 10.84
N TRP B 74 -38.65 6.72 10.55
CA TRP B 74 -39.86 6.15 11.14
C TRP B 74 -40.11 4.79 10.59
N ARG B 75 -40.56 3.88 11.45
CA ARG B 75 -40.78 2.48 11.05
C ARG B 75 -41.88 2.35 10.01
N LEU B 76 -42.97 3.09 10.19
CA LEU B 76 -44.11 2.99 9.29
C LEU B 76 -44.39 4.29 8.55
N ARG B 77 -44.34 5.41 9.28
CA ARG B 77 -44.56 6.74 8.70
C ARG B 77 -43.46 7.08 7.68
N SER B 78 -43.82 7.90 6.68
CA SER B 78 -42.95 8.19 5.53
C SER B 78 -42.23 9.55 5.62
N ASP B 79 -41.16 9.71 4.84
CA ASP B 79 -40.39 10.96 4.79
C ASP B 79 -40.11 11.43 3.37
N GLU B 80 -39.67 12.67 3.25
CA GLU B 80 -39.12 13.19 1.99
C GLU B 80 -37.64 12.81 1.88
N ASN B 81 -37.12 12.19 2.94
CA ASN B 81 -35.76 11.65 2.92
C ASN B 81 -35.74 10.22 2.44
N GLU B 82 -36.91 9.61 2.34
CA GLU B 82 -37.01 8.24 1.87
C GLU B 82 -36.78 8.14 0.36
N GLN B 83 -36.08 7.10 -0.06
CA GLN B 83 -35.86 6.79 -1.47
C GLN B 83 -36.19 5.33 -1.74
N HIS B 84 -37.20 5.10 -2.57
CA HIS B 84 -37.69 3.75 -2.86
C HIS B 84 -37.09 3.17 -4.10
N LEU B 85 -36.45 2.03 -3.94
CA LEU B 85 -35.61 1.48 -5.00
C LEU B 85 -35.86 0.02 -5.37
N GLY B 86 -35.73 -0.26 -6.66
CA GLY B 86 -35.90 -1.61 -7.19
C GLY B 86 -34.69 -2.51 -6.96
N VAL B 87 -34.81 -3.76 -7.42
CA VAL B 87 -33.79 -4.78 -7.22
C VAL B 87 -33.46 -5.44 -8.54
N LYS B 88 -32.22 -5.30 -8.98
CA LYS B 88 -31.80 -5.89 -10.26
C LYS B 88 -31.48 -7.36 -10.06
N HIS B 89 -30.61 -7.66 -9.10
CA HIS B 89 -30.23 -9.04 -8.81
CA HIS B 89 -30.26 -9.04 -8.80
C HIS B 89 -29.99 -9.19 -7.34
N THR B 90 -30.00 -10.43 -6.87
CA THR B 90 -29.61 -10.76 -5.50
C THR B 90 -28.64 -11.91 -5.58
N THR B 91 -27.57 -11.83 -4.81
CA THR B 91 -26.53 -12.84 -4.83
C THR B 91 -26.16 -13.28 -3.43
N LEU B 92 -26.43 -14.54 -3.12
CA LEU B 92 -26.05 -15.13 -1.84
C LEU B 92 -24.63 -15.63 -1.94
N HIS B 93 -24.02 -15.89 -0.80
CA HIS B 93 -22.69 -16.49 -0.74
C HIS B 93 -22.77 -17.92 -1.23
N PRO B 94 -21.79 -18.35 -2.05
CA PRO B 94 -21.73 -19.71 -2.59
C PRO B 94 -21.57 -20.78 -1.52
N GLN B 95 -20.92 -20.44 -0.42
CA GLN B 95 -20.81 -21.37 0.71
C GLN B 95 -21.72 -20.97 1.87
N TYR B 96 -22.85 -20.32 1.56
CA TYR B 96 -23.85 -20.00 2.57
C TYR B 96 -24.58 -21.26 2.98
N ASP B 97 -24.73 -21.46 4.28
CA ASP B 97 -25.41 -22.63 4.81
C ASP B 97 -26.63 -22.23 5.61
N PRO B 98 -27.83 -22.55 5.12
CA PRO B 98 -29.09 -22.15 5.75
C PRO B 98 -29.32 -22.82 7.10
N ASN B 99 -28.73 -23.99 7.31
CA ASN B 99 -28.93 -24.75 8.54
C ASN B 99 -27.88 -24.46 9.59
N THR B 100 -26.64 -24.24 9.15
CA THR B 100 -25.53 -23.95 10.06
C THR B 100 -25.44 -22.45 10.34
N PHE B 101 -25.95 -21.67 9.39
CA PHE B 101 -25.87 -20.20 9.37
C PHE B 101 -24.52 -19.65 8.89
N GLU B 102 -23.65 -20.55 8.42
CA GLU B 102 -22.32 -20.19 7.92
C GLU B 102 -22.42 -19.28 6.71
N ASN B 103 -21.46 -18.36 6.60
CA ASN B 103 -21.43 -17.36 5.52
C ASN B 103 -22.80 -16.70 5.28
N ASP B 104 -23.43 -16.26 6.38
CA ASP B 104 -24.76 -15.67 6.32
C ASP B 104 -24.72 -14.23 5.81
N VAL B 105 -24.28 -14.06 4.56
CA VAL B 105 -24.17 -12.75 3.95
C VAL B 105 -24.53 -12.80 2.47
N ALA B 106 -25.24 -11.77 2.01
CA ALA B 106 -25.70 -11.71 0.64
C ALA B 106 -25.78 -10.27 0.13
N LEU B 107 -25.72 -10.13 -1.18
CA LEU B 107 -25.66 -8.82 -1.81
C LEU B 107 -26.85 -8.63 -2.75
N VAL B 108 -27.35 -7.39 -2.79
CA VAL B 108 -28.52 -7.06 -3.58
C VAL B 108 -28.16 -5.93 -4.53
N GLU B 109 -28.30 -6.17 -5.83
CA GLU B 109 -28.03 -5.12 -6.83
C GLU B 109 -29.21 -4.17 -6.95
N LEU B 110 -28.93 -2.89 -6.80
CA LEU B 110 -29.96 -1.89 -6.97
C LEU B 110 -30.25 -1.67 -8.44
N LEU B 111 -31.51 -1.35 -8.73
CA LEU B 111 -31.98 -1.15 -10.10
C LEU B 111 -31.59 0.24 -10.61
N GLU B 112 -31.77 1.25 -9.75
CA GLU B 112 -31.28 2.60 -10.01
C GLU B 112 -30.58 3.13 -8.76
N SER B 113 -29.38 3.68 -8.96
CA SER B 113 -28.56 4.16 -7.85
C SER B 113 -29.21 5.37 -7.18
N PRO B 114 -29.19 5.41 -5.84
CA PRO B 114 -29.82 6.48 -5.09
C PRO B 114 -29.05 7.79 -5.18
N VAL B 115 -29.74 8.91 -5.00
CA VAL B 115 -29.11 10.22 -4.96
C VAL B 115 -28.43 10.38 -3.60
N LEU B 116 -27.10 10.50 -3.62
CA LEU B 116 -26.33 10.59 -2.39
C LEU B 116 -26.48 11.94 -1.69
N ASN B 117 -26.93 11.89 -0.44
CA ASN B 117 -27.11 13.10 0.35
C ASN B 117 -26.76 12.87 1.81
N ALA B 118 -26.98 13.89 2.63
CA ALA B 118 -26.63 13.84 4.05
C ALA B 118 -27.29 12.68 4.82
N PHE B 119 -28.42 12.20 4.30
CA PHE B 119 -29.20 11.16 4.97
C PHE B 119 -29.05 9.80 4.31
N VAL B 120 -28.45 9.80 3.12
CA VAL B 120 -28.21 8.57 2.35
C VAL B 120 -26.78 8.58 1.81
N MET B 121 -26.00 7.59 2.20
CA MET B 121 -24.63 7.42 1.73
C MET B 121 -24.04 6.15 2.34
N PRO B 122 -23.04 5.55 1.67
CA PRO B 122 -22.57 4.21 2.01
C PRO B 122 -21.73 4.12 3.28
N ILE B 123 -21.53 2.90 3.74
CA ILE B 123 -20.60 2.60 4.81
C ILE B 123 -19.35 1.98 4.19
N CYS B 124 -18.22 2.12 4.86
CA CYS B 124 -16.98 1.51 4.40
C CYS B 124 -16.93 0.02 4.66
N LEU B 125 -16.30 -0.70 3.74
CA LEU B 125 -15.98 -2.10 3.97
C LEU B 125 -14.76 -2.15 4.88
N PRO B 126 -14.67 -3.19 5.74
CA PRO B 126 -13.57 -3.22 6.71
C PRO B 126 -12.25 -3.50 6.03
N GLU B 127 -11.25 -2.67 6.31
CA GLU B 127 -9.94 -2.80 5.69
C GLU B 127 -9.03 -3.70 6.54
N GLY B 128 -9.63 -4.36 7.53
CA GLY B 128 -8.92 -5.26 8.43
C GLY B 128 -9.78 -5.74 9.58
N PRO B 129 -9.25 -6.68 10.39
CA PRO B 129 -9.99 -7.40 11.43
C PRO B 129 -10.26 -6.57 12.69
N GLN B 130 -10.96 -7.17 13.65
CA GLN B 130 -11.41 -6.46 14.85
C GLN B 130 -10.81 -7.00 16.12
N GLN B 131 -10.44 -6.07 17.00
CA GLN B 131 -9.87 -6.39 18.31
C GLN B 131 -10.96 -6.76 19.32
N GLU B 132 -10.58 -7.57 20.30
CA GLU B 132 -11.44 -7.98 21.41
C GLU B 132 -11.87 -6.77 22.23
N GLY B 133 -13.18 -6.59 22.40
CA GLY B 133 -13.72 -5.50 23.22
C GLY B 133 -14.01 -4.19 22.50
N ALA B 134 -13.88 -4.19 21.18
CA ALA B 134 -14.17 -3.00 20.38
C ALA B 134 -15.63 -2.61 20.48
N MET B 135 -15.88 -1.34 20.81
CA MET B 135 -17.24 -0.82 20.93
C MET B 135 -17.88 -0.65 19.55
N VAL B 136 -18.90 -1.46 19.28
CA VAL B 136 -19.67 -1.37 18.03
C VAL B 136 -21.05 -0.73 18.24
N ILE B 137 -21.69 -0.34 17.14
CA ILE B 137 -23.08 0.10 17.18
C ILE B 137 -23.93 -0.73 16.22
N VAL B 138 -25.04 -1.26 16.76
CA VAL B 138 -25.98 -2.11 16.01
C VAL B 138 -27.33 -1.39 15.86
N SER B 139 -27.88 -1.38 14.64
CA SER B 139 -29.12 -0.65 14.37
C SER B 139 -30.19 -1.47 13.64
N GLY B 140 -31.44 -1.25 14.01
CA GLY B 140 -32.56 -1.96 13.39
C GLY B 140 -33.93 -1.51 13.89
N TRP B 141 -34.98 -1.89 13.16
CA TRP B 141 -36.35 -1.58 13.53
C TRP B 141 -37.03 -2.79 14.11
N GLY B 142 -36.24 -3.63 14.78
CA GLY B 142 -36.74 -4.90 15.30
C GLY B 142 -37.59 -4.81 16.56
N LYS B 143 -38.08 -5.96 17.00
CA LYS B 143 -38.86 -6.08 18.22
C LYS B 143 -37.97 -5.85 19.43
N GLN B 144 -38.47 -5.05 20.37
CA GLN B 144 -37.74 -4.71 21.58
C GLN B 144 -38.22 -5.50 22.80
N PHE B 145 -37.63 -5.22 23.97
CA PHE B 145 -38.07 -5.82 25.22
C PHE B 145 -39.57 -5.58 25.37
N LEU B 146 -40.30 -6.60 25.86
CA LEU B 146 -41.77 -6.56 25.95
C LEU B 146 -42.46 -6.72 24.58
N GLN B 147 -41.67 -7.10 23.57
CA GLN B 147 -42.17 -7.59 22.28
C GLN B 147 -43.02 -6.60 21.45
N ARG B 148 -42.84 -5.30 21.68
CA ARG B 148 -43.51 -4.29 20.87
C ARG B 148 -42.55 -3.78 19.79
N PHE B 149 -43.04 -2.91 18.91
CA PHE B 149 -42.20 -2.34 17.86
C PHE B 149 -41.95 -0.85 18.05
N PRO B 150 -40.76 -0.36 17.63
CA PRO B 150 -40.45 1.06 17.78
C PRO B 150 -41.17 1.96 16.76
N GLU B 151 -41.20 3.26 17.05
CA GLU B 151 -41.68 4.27 16.10
C GLU B 151 -40.54 4.80 15.25
N THR B 152 -39.32 4.51 15.69
CA THR B 152 -38.11 5.09 15.16
C THR B 152 -37.09 3.98 14.95
N LEU B 153 -35.96 4.31 14.34
CA LEU B 153 -34.81 3.42 14.33
C LEU B 153 -34.19 3.39 15.73
N MET B 154 -33.76 2.22 16.16
CA MET B 154 -33.18 2.06 17.48
C MET B 154 -31.80 1.45 17.37
N GLU B 155 -30.89 1.90 18.24
CA GLU B 155 -29.52 1.37 18.26
C GLU B 155 -29.03 1.01 19.65
N ILE B 156 -27.99 0.16 19.70
CA ILE B 156 -27.30 -0.20 20.93
C ILE B 156 -25.80 -0.16 20.71
N GLU B 157 -25.08 0.32 21.73
CA GLU B 157 -23.62 0.35 21.69
C GLU B 157 -23.07 -0.76 22.60
N ILE B 158 -22.41 -1.74 21.98
CA ILE B 158 -21.96 -2.94 22.70
C ILE B 158 -20.53 -3.38 22.35
N PRO B 159 -19.84 -4.00 23.32
CA PRO B 159 -18.52 -4.58 23.06
C PRO B 159 -18.55 -5.89 22.28
N ILE B 160 -17.53 -6.09 21.45
CA ILE B 160 -17.32 -7.36 20.74
C ILE B 160 -16.63 -8.35 21.67
N VAL B 161 -17.09 -9.60 21.65
CA VAL B 161 -16.48 -10.67 22.45
C VAL B 161 -15.44 -11.44 21.63
N ASP B 162 -14.39 -11.94 22.28
CA ASP B 162 -13.41 -12.74 21.57
CA ASP B 162 -13.37 -12.78 21.66
C ASP B 162 -13.98 -14.09 21.16
N HIS B 163 -13.64 -14.48 19.93
CA HIS B 163 -14.18 -15.69 19.30
C HIS B 163 -14.05 -16.93 20.14
N SER B 164 -12.90 -17.10 20.77
CA SER B 164 -12.66 -18.23 21.66
C SER B 164 -13.70 -18.27 22.76
N THR B 165 -13.78 -17.20 23.56
CA THR B 165 -14.73 -17.13 24.67
C THR B 165 -16.18 -17.04 24.21
N CYS B 166 -16.39 -16.81 22.92
CA CYS B 166 -17.73 -16.92 22.37
C CYS B 166 -18.11 -18.37 22.10
N GLN B 167 -17.20 -19.11 21.46
CA GLN B 167 -17.40 -20.52 21.18
C GLN B 167 -17.66 -21.29 22.48
N LYS B 168 -16.79 -21.09 23.47
CA LYS B 168 -16.92 -21.70 24.79
C LYS B 168 -18.30 -21.50 25.39
N ALA B 169 -18.95 -20.39 25.02
CA ALA B 169 -20.28 -20.08 25.49
C ALA B 169 -21.37 -20.86 24.76
N TYR B 170 -21.19 -21.09 23.46
CA TYR B 170 -22.20 -21.82 22.66
C TYR B 170 -22.01 -23.33 22.58
N ALA B 171 -20.91 -23.80 23.16
CA ALA B 171 -20.80 -25.20 23.54
C ALA B 171 -21.07 -25.21 25.06
N PRO B 172 -21.52 -26.35 25.61
CA PRO B 172 -21.77 -27.63 24.96
C PRO B 172 -23.22 -27.77 24.48
N LEU B 173 -23.89 -26.64 24.26
CA LEU B 173 -25.21 -26.65 23.65
C LEU B 173 -25.14 -27.18 22.21
N LYS B 174 -23.92 -27.51 21.79
CA LYS B 174 -23.63 -28.19 20.51
C LYS B 174 -24.02 -27.40 19.25
N LYS B 175 -23.93 -26.07 19.33
CA LYS B 175 -24.12 -25.22 18.17
C LYS B 175 -22.77 -24.72 17.68
N LYS B 176 -22.50 -24.95 16.39
CA LYS B 176 -21.24 -24.53 15.77
C LYS B 176 -21.16 -23.00 15.63
N VAL B 177 -19.97 -22.46 15.86
CA VAL B 177 -19.68 -21.04 15.67
C VAL B 177 -18.40 -20.89 14.85
N THR B 178 -18.57 -20.66 13.55
CA THR B 178 -17.42 -20.60 12.63
C THR B 178 -16.71 -19.24 12.62
N ARG B 179 -15.52 -19.21 12.01
CA ARG B 179 -14.72 -18.00 11.90
C ARG B 179 -15.48 -16.90 11.18
N ASP B 180 -16.34 -17.28 10.24
CA ASP B 180 -17.15 -16.33 9.51
C ASP B 180 -18.18 -15.62 10.41
N MET B 181 -18.23 -16.03 11.67
CA MET B 181 -19.16 -15.42 12.63
C MET B 181 -18.42 -14.61 13.68
N ILE B 182 -19.12 -13.62 14.23
CA ILE B 182 -18.57 -12.76 15.28
C ILE B 182 -19.65 -12.48 16.31
N CYS B 183 -19.24 -12.30 17.57
CA CYS B 183 -20.19 -12.08 18.66
C CYS B 183 -20.07 -10.71 19.31
N ALA B 184 -21.21 -10.12 19.64
CA ALA B 184 -21.25 -8.86 20.35
C ALA B 184 -22.24 -8.94 21.52
N GLY B 185 -21.83 -8.41 22.67
CA GLY B 185 -22.69 -8.41 23.84
C GLY B 185 -21.95 -8.56 25.15
N GLU B 186 -22.66 -8.36 26.25
CA GLU B 186 -22.08 -8.39 27.58
C GLU B 186 -22.47 -9.66 28.32
N LYS B 187 -21.57 -10.13 29.18
CA LYS B 187 -21.74 -11.40 29.92
C LYS B 187 -23.16 -11.57 30.47
N GLU B 188 -23.60 -10.63 31.30
CA GLU B 188 -24.90 -10.72 31.98
C GLU B 188 -26.12 -10.44 31.08
N GLY B 189 -25.86 -10.27 29.77
CA GLY B 189 -26.93 -9.99 28.79
C GLY B 189 -27.63 -8.66 29.02
N GLY B 190 -28.54 -8.30 28.12
CA GLY B 190 -29.35 -7.11 28.30
C GLY B 190 -29.57 -6.27 27.05
N LYS B 191 -28.52 -6.13 26.24
CA LYS B 191 -28.63 -5.41 24.98
C LYS B 191 -28.41 -6.37 23.83
N ASP B 192 -29.38 -6.46 22.94
CA ASP B 192 -29.26 -7.36 21.80
C ASP B 192 -30.11 -6.89 20.63
N ALA B 193 -29.87 -7.49 19.46
CA ALA B 193 -30.78 -7.39 18.32
C ALA B 193 -31.87 -8.46 18.46
N CYS B 194 -32.88 -8.42 17.59
CA CYS B 194 -33.98 -9.36 17.71
C CYS B 194 -34.75 -9.54 16.41
N ALA B 195 -35.97 -10.07 16.52
CA ALA B 195 -36.84 -10.28 15.37
C ALA B 195 -37.00 -8.98 14.58
N GLY B 196 -36.67 -9.04 13.30
CA GLY B 196 -36.82 -7.88 12.43
C GLY B 196 -35.53 -7.11 12.27
N ASP B 197 -34.43 -7.70 12.72
CA ASP B 197 -33.13 -7.02 12.67
C ASP B 197 -32.12 -7.61 11.68
N SER B 198 -32.37 -8.82 11.20
CA SER B 198 -31.50 -9.49 10.22
C SER B 198 -31.00 -8.54 9.12
N GLY B 199 -29.69 -8.57 8.88
CA GLY B 199 -29.09 -7.74 7.83
C GLY B 199 -28.66 -6.37 8.34
N GLY B 200 -29.37 -5.88 9.35
CA GLY B 200 -29.00 -4.65 10.04
C GLY B 200 -27.52 -4.67 10.39
N PRO B 201 -26.84 -3.53 10.24
CA PRO B 201 -25.39 -3.51 10.32
C PRO B 201 -24.86 -3.44 11.74
N MET B 202 -23.59 -3.80 11.89
CA MET B 202 -22.84 -3.57 13.12
C MET B 202 -21.58 -2.79 12.73
N VAL B 203 -21.49 -1.53 13.17
CA VAL B 203 -20.41 -0.63 12.72
C VAL B 203 -19.40 -0.26 13.81
N THR B 204 -18.20 0.13 13.39
CA THR B 204 -17.25 0.78 14.28
C THR B 204 -16.76 2.12 13.74
N LEU B 205 -16.44 3.01 14.66
CA LEU B 205 -15.69 4.21 14.34
C LEU B 205 -14.22 3.89 14.42
N ASN B 206 -13.47 4.27 13.38
CA ASN B 206 -12.02 4.20 13.41
C ASN B 206 -11.42 5.58 13.67
N ARG B 207 -10.40 5.61 14.53
CA ARG B 207 -9.59 6.81 14.74
C ARG B 207 -8.10 6.38 14.75
N GLU B 208 -7.19 7.21 14.22
CA GLU B 208 -7.48 8.58 13.78
C GLU B 208 -7.87 8.68 12.30
N ARG B 209 -8.76 7.80 11.86
CA ARG B 209 -9.26 7.84 10.50
C ARG B 209 -10.52 8.71 10.41
N GLY B 210 -11.31 8.72 11.49
CA GLY B 210 -12.56 9.48 11.55
C GLY B 210 -13.63 8.98 10.61
N GLN B 211 -13.61 7.68 10.33
CA GLN B 211 -14.55 7.06 9.41
C GLN B 211 -15.22 5.86 10.04
N TRP B 212 -16.49 5.66 9.68
CA TRP B 212 -17.26 4.52 10.16
C TRP B 212 -17.12 3.35 9.24
N TYR B 213 -16.82 2.20 9.81
CA TYR B 213 -16.67 0.97 9.03
C TYR B 213 -17.77 -0.03 9.35
N LEU B 214 -18.13 -0.85 8.36
CA LEU B 214 -19.06 -1.95 8.57
C LEU B 214 -18.32 -3.18 9.06
N VAL B 215 -18.78 -3.74 10.17
CA VAL B 215 -18.09 -4.84 10.81
C VAL B 215 -18.77 -6.16 10.46
N GLY B 216 -20.09 -6.17 10.61
CA GLY B 216 -20.88 -7.36 10.35
C GLY B 216 -22.36 -7.06 10.36
N THR B 217 -23.17 -8.04 10.00
CA THR B 217 -24.61 -7.86 9.95
C THR B 217 -25.29 -8.79 10.96
N VAL B 218 -26.48 -8.40 11.41
CA VAL B 218 -27.27 -9.24 12.32
C VAL B 218 -27.51 -10.63 11.69
N SER B 219 -27.17 -11.69 12.44
CA SER B 219 -27.28 -13.06 11.94
C SER B 219 -28.29 -13.88 12.73
N TRP B 220 -27.93 -14.24 13.95
CA TRP B 220 -28.78 -15.08 14.82
C TRP B 220 -28.41 -14.98 16.28
N GLY B 221 -29.26 -15.54 17.14
CA GLY B 221 -29.03 -15.59 18.59
C GLY B 221 -30.09 -16.44 19.27
N ASP B 222 -29.82 -16.90 20.49
CA ASP B 222 -30.75 -17.80 21.22
C ASP B 222 -32.15 -17.21 21.38
N ASP B 223 -32.33 -16.42 22.44
CA ASP B 223 -33.50 -15.57 22.55
C ASP B 223 -32.95 -14.16 22.36
N CYS B 224 -33.49 -13.18 23.07
CA CYS B 224 -32.95 -11.82 22.95
C CYS B 224 -32.47 -11.23 24.28
N GLY B 225 -31.16 -11.00 24.34
CA GLY B 225 -30.53 -10.41 25.52
C GLY B 225 -30.50 -11.36 26.69
N LYS B 226 -30.25 -12.64 26.41
CA LYS B 226 -30.17 -13.65 27.47
C LYS B 226 -28.80 -13.71 28.13
N LYS B 227 -28.80 -13.98 29.44
CA LYS B 227 -27.59 -14.05 30.26
C LYS B 227 -26.66 -15.14 29.75
N ASP B 228 -25.38 -14.78 29.58
CA ASP B 228 -24.33 -15.70 29.12
C ASP B 228 -24.47 -16.14 27.66
N ARG B 229 -25.24 -15.41 26.87
CA ARG B 229 -25.44 -15.73 25.46
C ARG B 229 -25.39 -14.47 24.58
N TYR B 230 -24.24 -14.25 23.94
CA TYR B 230 -24.03 -13.07 23.10
C TYR B 230 -24.68 -13.25 21.74
N GLY B 231 -25.12 -12.15 21.13
CA GLY B 231 -25.74 -12.17 19.80
C GLY B 231 -24.72 -12.38 18.69
N VAL B 232 -25.04 -13.26 17.74
CA VAL B 232 -24.10 -13.58 16.68
C VAL B 232 -24.39 -12.82 15.39
N TYR B 233 -23.31 -12.34 14.78
CA TYR B 233 -23.34 -11.53 13.58
C TYR B 233 -22.45 -12.14 12.52
N SER B 234 -22.71 -11.75 11.27
CA SER B 234 -21.92 -12.22 10.15
C SER B 234 -20.63 -11.40 10.06
N TYR B 235 -19.49 -12.06 10.20
CA TYR B 235 -18.18 -11.40 10.08
C TYR B 235 -17.95 -11.08 8.61
N ILE B 236 -17.56 -9.84 8.32
CA ILE B 236 -17.49 -9.39 6.92
C ILE B 236 -16.10 -9.47 6.32
N HIS B 237 -15.09 -9.10 7.09
CA HIS B 237 -13.71 -9.22 6.63
C HIS B 237 -13.42 -10.62 6.12
N HIS B 238 -14.07 -11.62 6.71
CA HIS B 238 -13.96 -13.02 6.29
C HIS B 238 -14.48 -13.25 4.90
N ASN B 239 -15.45 -12.44 4.48
CA ASN B 239 -16.05 -12.57 3.15
C ASN B 239 -15.86 -11.31 2.30
N LYS B 240 -14.88 -10.48 2.67
CA LYS B 240 -14.62 -9.25 1.92
C LYS B 240 -14.20 -9.57 0.48
N ASP B 241 -13.31 -10.55 0.34
CA ASP B 241 -12.85 -11.00 -0.98
C ASP B 241 -14.02 -11.27 -1.91
N TRP B 242 -14.95 -12.10 -1.48
CA TRP B 242 -16.15 -12.36 -2.26
C TRP B 242 -16.91 -11.10 -2.58
N ILE B 243 -17.13 -10.25 -1.58
CA ILE B 243 -17.89 -9.02 -1.76
C ILE B 243 -17.28 -8.13 -2.85
N GLN B 244 -15.97 -7.90 -2.73
CA GLN B 244 -15.23 -7.11 -3.72
C GLN B 244 -15.27 -7.77 -5.09
N ARG B 245 -15.23 -9.10 -5.11
CA ARG B 245 -15.33 -9.88 -6.34
C ARG B 245 -16.66 -9.59 -7.04
N VAL B 246 -17.75 -9.65 -6.27
CA VAL B 246 -19.10 -9.50 -6.81
C VAL B 246 -19.44 -8.06 -7.16
N THR B 247 -19.15 -7.14 -6.26
CA THR B 247 -19.60 -5.75 -6.39
C THR B 247 -18.63 -4.88 -7.18
N GLY B 248 -17.34 -5.06 -6.91
CA GLY B 248 -16.31 -4.20 -7.48
C GLY B 248 -16.20 -2.90 -6.71
N VAL B 249 -16.23 -3.02 -5.38
CA VAL B 249 -16.20 -1.83 -4.52
C VAL B 249 -14.86 -1.68 -3.78
N ARG B 250 -14.20 -0.56 -4.06
CA ARG B 250 -13.02 -0.16 -3.33
C ARG B 250 -13.41 1.02 -2.43
N ASN B 251 -12.73 1.14 -1.29
CA ASN B 251 -12.94 2.27 -0.38
C ASN B 251 -12.16 3.52 -0.80
N THR C 4 62.45 23.88 -56.25
CA THR C 4 61.77 24.72 -57.27
C THR C 4 60.26 24.77 -57.00
N GLY C 5 59.63 25.87 -57.39
CA GLY C 5 58.19 26.03 -57.23
C GLY C 5 57.80 27.44 -56.80
N ASN C 6 56.72 27.52 -56.02
CA ASN C 6 56.23 28.79 -55.53
C ASN C 6 56.04 28.72 -54.02
N GLU C 7 56.87 29.45 -53.29
CA GLU C 7 56.93 29.31 -51.83
C GLU C 7 55.80 30.01 -51.07
N CYS C 8 55.53 29.52 -49.86
CA CYS C 8 54.33 29.89 -49.10
C CYS C 8 54.67 30.39 -47.72
N PRO C 9 53.78 31.24 -47.15
CA PRO C 9 53.95 31.82 -45.83
C PRO C 9 54.38 30.81 -44.75
N GLU C 10 55.26 31.26 -43.86
CA GLU C 10 55.65 30.47 -42.70
C GLU C 10 54.46 30.36 -41.77
N LEU C 11 54.26 29.18 -41.21
CA LEU C 11 53.06 28.90 -40.42
C LEU C 11 53.27 29.18 -38.94
N GLN C 12 52.27 29.83 -38.34
CA GLN C 12 52.24 30.03 -36.90
C GLN C 12 51.62 28.80 -36.26
N PRO C 13 52.42 28.04 -35.48
CA PRO C 13 51.89 26.83 -34.84
C PRO C 13 50.81 27.21 -33.84
N PRO C 14 49.71 26.43 -33.80
CA PRO C 14 48.65 26.75 -32.85
C PRO C 14 49.11 26.50 -31.41
N VAL C 15 48.48 27.20 -30.46
CA VAL C 15 48.64 26.86 -29.05
C VAL C 15 47.95 25.51 -28.78
N HIS C 16 48.61 24.66 -28.00
CA HIS C 16 48.15 23.28 -27.74
C HIS C 16 48.13 22.46 -29.01
N GLY C 17 49.07 22.75 -29.91
CA GLY C 17 49.23 22.01 -31.16
C GLY C 17 50.62 22.13 -31.76
N LYS C 18 51.09 21.04 -32.35
CA LYS C 18 52.38 21.00 -33.04
C LYS C 18 52.21 21.31 -34.52
N ILE C 19 53.32 21.38 -35.25
CA ILE C 19 53.29 21.50 -36.71
C ILE C 19 54.44 20.72 -37.36
N GLU C 20 54.12 19.56 -37.91
CA GLU C 20 55.11 18.75 -38.61
C GLU C 20 54.71 18.62 -40.08
N PRO C 21 55.70 18.61 -40.99
CA PRO C 21 57.11 18.80 -40.71
C PRO C 21 57.47 20.28 -40.72
N SER C 22 58.41 20.68 -39.87
CA SER C 22 58.86 22.07 -39.87
C SER C 22 60.04 22.22 -40.83
N GLN C 23 59.92 23.15 -41.77
CA GLN C 23 60.96 23.43 -42.74
C GLN C 23 61.22 24.93 -42.78
N ALA C 24 62.43 25.32 -43.19
CA ALA C 24 62.81 26.73 -43.31
C ALA C 24 61.92 27.46 -44.32
N LYS C 25 61.73 26.82 -45.48
CA LYS C 25 60.80 27.30 -46.50
C LYS C 25 59.71 26.25 -46.74
N TYR C 26 58.67 26.63 -47.47
CA TYR C 26 57.59 25.71 -47.86
C TYR C 26 57.25 25.90 -49.33
N PHE C 27 57.35 24.84 -50.12
CA PHE C 27 57.14 24.95 -51.56
C PHE C 27 55.78 24.45 -52.01
N PHE C 28 55.52 24.61 -53.30
CA PHE C 28 54.29 24.10 -53.92
C PHE C 28 54.17 22.59 -53.71
N LYS C 29 52.95 22.15 -53.42
CA LYS C 29 52.62 20.73 -53.25
C LYS C 29 53.12 20.08 -51.95
N ASP C 30 53.87 20.83 -51.14
CA ASP C 30 54.28 20.37 -49.82
C ASP C 30 53.10 20.37 -48.87
N GLN C 31 52.90 19.24 -48.19
CA GLN C 31 51.79 19.06 -47.27
C GLN C 31 52.29 18.94 -45.86
N VAL C 32 51.67 19.67 -44.95
CA VAL C 32 52.04 19.64 -43.53
C VAL C 32 50.89 19.15 -42.68
N LEU C 33 51.20 18.74 -41.45
CA LEU C 33 50.22 18.14 -40.55
C LEU C 33 50.20 18.86 -39.20
N VAL C 34 49.01 19.33 -38.84
CA VAL C 34 48.78 20.01 -37.57
C VAL C 34 48.21 19.02 -36.57
N SER C 35 49.07 18.42 -35.74
CA SER C 35 48.60 17.51 -34.71
C SER C 35 48.35 18.26 -33.40
N CYS C 36 47.67 17.60 -32.46
CA CYS C 36 47.23 18.29 -31.25
C CYS C 36 47.64 17.64 -29.95
N ASP C 37 47.95 18.48 -28.97
CA ASP C 37 48.34 18.06 -27.63
C ASP C 37 47.25 17.21 -26.98
N THR C 38 47.68 16.25 -26.16
CA THR C 38 46.77 15.37 -25.46
C THR C 38 45.71 16.18 -24.72
N GLY C 39 44.45 15.83 -24.96
CA GLY C 39 43.31 16.51 -24.35
C GLY C 39 42.80 17.62 -25.23
N TYR C 40 43.27 17.67 -26.48
CA TYR C 40 42.87 18.69 -27.44
C TYR C 40 42.48 18.07 -28.78
N LYS C 41 41.52 18.71 -29.45
CA LYS C 41 40.94 18.20 -30.69
C LYS C 41 40.66 19.35 -31.66
N VAL C 42 40.40 19.00 -32.92
CA VAL C 42 40.11 19.97 -33.98
C VAL C 42 38.80 19.59 -34.67
N LEU C 43 37.87 20.53 -34.74
CA LEU C 43 36.58 20.32 -35.40
C LEU C 43 36.72 20.37 -36.93
N LYS C 44 36.26 19.33 -37.60
CA LYS C 44 36.29 19.26 -39.08
C LYS C 44 34.88 19.11 -39.65
N ASP C 45 34.12 18.17 -39.11
CA ASP C 45 32.68 18.14 -39.33
C ASP C 45 32.03 18.26 -37.94
N ASN C 46 30.92 17.58 -37.73
CA ASN C 46 30.39 17.40 -36.38
C ASN C 46 31.30 16.45 -35.59
N VAL C 47 32.45 16.13 -36.19
CA VAL C 47 33.38 15.13 -35.66
C VAL C 47 34.72 15.74 -35.23
N GLU C 48 35.18 15.32 -34.05
CA GLU C 48 36.43 15.80 -33.46
C GLU C 48 37.57 14.85 -33.80
N MET C 49 38.71 15.42 -34.18
CA MET C 49 39.88 14.62 -34.59
C MET C 49 41.21 15.17 -34.08
N ASP C 50 42.22 14.30 -34.14
CA ASP C 50 43.54 14.54 -33.55
C ASP C 50 44.44 15.43 -34.39
N THR C 51 44.29 15.35 -35.71
CA THR C 51 45.11 16.17 -36.61
C THR C 51 44.27 17.00 -37.57
N PHE C 52 44.96 17.77 -38.39
CA PHE C 52 44.34 18.58 -39.43
C PHE C 52 45.45 18.77 -40.45
N GLN C 53 45.10 18.66 -41.72
CA GLN C 53 46.10 18.65 -42.77
C GLN C 53 45.87 19.80 -43.73
N ILE C 54 46.92 20.55 -43.99
CA ILE C 54 46.89 21.56 -45.04
C ILE C 54 48.07 21.34 -45.98
N GLU C 55 47.96 21.90 -47.17
CA GLU C 55 49.07 21.89 -48.12
C GLU C 55 49.14 23.19 -48.92
N CYS C 56 50.22 23.38 -49.67
CA CYS C 56 50.42 24.60 -50.43
C CYS C 56 50.08 24.45 -51.90
N LEU C 57 49.24 25.37 -52.37
CA LEU C 57 48.74 25.37 -53.74
C LEU C 57 49.74 26.02 -54.69
N LYS C 58 49.42 26.02 -55.98
CA LYS C 58 50.28 26.61 -57.01
C LYS C 58 50.44 28.11 -56.81
N ASP C 59 49.40 28.75 -56.30
CA ASP C 59 49.36 30.20 -56.13
C ASP C 59 50.20 30.70 -54.94
N GLY C 60 51.04 29.82 -54.38
CA GLY C 60 51.88 30.15 -53.22
C GLY C 60 51.10 30.32 -51.92
N THR C 61 49.87 29.81 -51.90
CA THR C 61 48.98 29.96 -50.77
C THR C 61 48.60 28.61 -50.17
N TRP C 62 48.29 28.60 -48.88
CA TRP C 62 47.87 27.38 -48.19
C TRP C 62 46.46 27.01 -48.53
N SER C 63 46.18 25.72 -48.52
CA SER C 63 44.85 25.20 -48.82
C SER C 63 43.84 25.64 -47.76
N ASN C 64 44.28 25.65 -46.51
CA ASN C 64 43.45 26.08 -45.38
C ASN C 64 44.24 26.79 -44.29
N LYS C 65 43.55 27.68 -43.57
CA LYS C 65 44.11 28.36 -42.41
C LYS C 65 44.44 27.36 -41.30
N ILE C 66 45.35 27.76 -40.41
CA ILE C 66 45.70 26.96 -39.22
C ILE C 66 44.49 26.90 -38.28
N PRO C 67 44.08 25.68 -37.86
CA PRO C 67 42.92 25.59 -37.00
C PRO C 67 43.26 25.87 -35.54
N THR C 68 42.26 26.33 -34.78
CA THR C 68 42.40 26.46 -33.34
C THR C 68 42.20 25.09 -32.74
N CYS C 69 43.03 24.73 -31.78
CA CYS C 69 42.90 23.41 -31.18
C CYS C 69 42.28 23.47 -29.78
N LYS C 70 40.97 23.28 -29.74
CA LYS C 70 40.16 23.41 -28.51
C LYS C 70 40.22 22.20 -27.58
N ILE C 71 39.91 22.45 -26.31
CA ILE C 71 40.07 21.48 -25.24
C ILE C 71 38.97 20.44 -25.19
N VAL C 72 39.36 19.19 -24.98
CA VAL C 72 38.41 18.08 -24.77
C VAL C 72 37.51 18.42 -23.60
N ASP C 73 36.23 18.10 -23.73
CA ASP C 73 35.28 18.39 -22.67
C ASP C 73 34.49 17.18 -22.20
N CYS C 74 34.90 16.60 -21.07
CA CYS C 74 34.05 15.64 -20.35
C CYS C 74 32.84 16.45 -19.92
N ARG C 75 31.66 15.90 -20.06
CA ARG C 75 30.48 16.72 -19.88
C ARG C 75 30.08 16.86 -18.42
N ALA C 76 28.80 17.08 -18.19
CA ALA C 76 28.23 17.08 -16.84
C ALA C 76 28.34 15.70 -16.21
N PRO C 77 28.94 15.61 -15.02
CA PRO C 77 29.15 14.33 -14.34
C PRO C 77 27.84 13.63 -13.97
N GLY C 78 27.92 12.32 -13.73
CA GLY C 78 26.79 11.56 -13.28
C GLY C 78 26.36 12.00 -11.91
N GLU C 79 25.05 12.17 -11.73
CA GLU C 79 24.47 12.48 -10.45
C GLU C 79 24.48 11.23 -9.57
N LEU C 80 24.87 11.41 -8.31
CA LEU C 80 24.90 10.31 -7.34
C LEU C 80 23.65 10.30 -6.45
N GLU C 81 23.09 9.12 -6.23
CA GLU C 81 21.94 8.99 -5.35
C GLU C 81 22.39 9.23 -3.92
N HIS C 82 21.82 10.25 -3.28
CA HIS C 82 22.24 10.72 -1.94
C HIS C 82 23.63 11.29 -1.93
N GLY C 83 24.12 11.67 -3.11
CA GLY C 83 25.46 12.21 -3.24
C GLY C 83 25.48 13.70 -3.50
N LEU C 84 26.67 14.29 -3.40
CA LEU C 84 26.86 15.70 -3.66
C LEU C 84 28.17 15.95 -4.42
N ILE C 85 28.07 16.56 -5.59
CA ILE C 85 29.23 16.87 -6.43
C ILE C 85 29.85 18.20 -6.01
N THR C 86 31.18 18.27 -6.12
CA THR C 86 31.94 19.49 -5.80
C THR C 86 33.10 19.70 -6.78
N PHE C 87 33.02 20.77 -7.57
CA PHE C 87 34.08 21.18 -8.48
C PHE C 87 35.18 21.91 -7.73
N SER C 88 36.42 21.74 -8.17
CA SER C 88 37.59 22.25 -7.45
C SER C 88 37.73 23.78 -7.45
N THR C 89 38.07 24.35 -8.60
CA THR C 89 38.25 25.80 -8.73
C THR C 89 37.88 26.22 -10.17
N ARG C 90 38.43 27.37 -10.60
CA ARG C 90 38.08 28.05 -11.87
C ARG C 90 36.62 28.52 -11.87
N ASN C 91 35.78 27.87 -12.68
CA ASN C 91 34.36 28.24 -12.83
C ASN C 91 33.43 27.04 -12.95
N ASN C 92 33.72 25.98 -12.19
CA ASN C 92 33.03 24.69 -12.31
C ASN C 92 33.29 23.97 -13.64
N LEU C 93 34.41 24.30 -14.28
CA LEU C 93 34.73 23.75 -15.60
C LEU C 93 34.78 22.22 -15.64
N THR C 94 34.44 21.67 -16.80
CA THR C 94 34.37 20.22 -16.98
C THR C 94 35.37 19.74 -18.05
N THR C 95 36.16 20.69 -18.56
CA THR C 95 37.14 20.44 -19.61
C THR C 95 38.34 19.61 -19.14
N TYR C 96 39.11 19.11 -20.10
CA TYR C 96 40.25 18.23 -19.85
C TYR C 96 41.06 18.53 -18.58
N LYS C 97 41.33 17.46 -17.82
CA LYS C 97 42.15 17.50 -16.61
C LYS C 97 41.54 18.23 -15.40
N SER C 98 40.26 18.58 -15.47
CA SER C 98 39.54 19.13 -14.32
C SER C 98 39.14 18.03 -13.36
N GLU C 99 38.83 18.38 -12.11
CA GLU C 99 38.46 17.40 -11.09
C GLU C 99 37.12 17.69 -10.42
N ILE C 100 36.43 16.62 -10.03
CA ILE C 100 35.26 16.71 -9.16
C ILE C 100 35.43 15.76 -7.96
N LYS C 101 34.74 16.06 -6.87
CA LYS C 101 34.80 15.23 -5.67
C LYS C 101 33.40 14.94 -5.14
N TYR C 102 33.01 13.66 -5.22
CA TYR C 102 31.74 13.20 -4.69
C TYR C 102 31.80 13.06 -3.18
N SER C 103 30.67 13.34 -2.53
CA SER C 103 30.50 13.08 -1.11
C SER C 103 29.11 12.50 -0.94
N CYS C 104 28.95 11.59 0.02
CA CYS C 104 27.62 11.16 0.40
C CYS C 104 27.07 12.22 1.36
N GLN C 105 25.75 12.26 1.51
CA GLN C 105 25.12 13.32 2.28
C GLN C 105 25.02 12.96 3.75
N GLU C 106 25.82 13.66 4.57
CA GLU C 106 25.81 13.51 6.01
C GLU C 106 24.52 14.08 6.58
N PRO C 107 24.05 13.57 7.72
CA PRO C 107 24.67 12.50 8.52
C PRO C 107 24.17 11.08 8.21
N TYR C 108 23.30 10.96 7.22
CA TYR C 108 22.53 9.73 7.01
C TYR C 108 23.15 8.68 6.10
N TYR C 109 24.06 9.09 5.22
CA TYR C 109 24.77 8.17 4.35
C TYR C 109 26.29 8.32 4.42
N LYS C 110 26.98 7.21 4.18
CA LYS C 110 28.43 7.21 4.06
C LYS C 110 28.78 6.56 2.73
N MET C 111 30.06 6.62 2.36
CA MET C 111 30.50 6.04 1.10
C MET C 111 30.97 4.59 1.23
N LEU C 112 30.87 3.85 0.13
CA LEU C 112 31.31 2.45 0.08
C LEU C 112 32.84 2.38 0.09
N ASN C 113 33.35 1.53 0.97
CA ASN C 113 34.79 1.28 1.16
C ASN C 113 35.73 2.51 1.10
N ASN C 114 35.29 3.61 1.72
CA ASN C 114 36.15 4.78 1.94
C ASN C 114 36.80 5.31 0.65
N ASN C 115 36.02 5.31 -0.43
CA ASN C 115 36.50 5.74 -1.74
C ASN C 115 36.82 7.23 -1.79
N THR C 116 37.99 7.55 -2.33
CA THR C 116 38.45 8.92 -2.48
C THR C 116 37.36 9.87 -2.97
N GLY C 117 36.53 9.38 -3.89
CA GLY C 117 35.43 10.16 -4.48
C GLY C 117 35.91 11.14 -5.54
N ILE C 118 37.22 11.15 -5.77
CA ILE C 118 37.82 12.08 -6.73
C ILE C 118 37.79 11.52 -8.14
N TYR C 119 36.94 12.11 -8.96
CA TYR C 119 36.91 11.82 -10.37
C TYR C 119 37.53 12.98 -11.11
N THR C 120 38.10 12.69 -12.27
CA THR C 120 38.80 13.69 -13.05
C THR C 120 38.67 13.43 -14.54
N CYS C 121 38.58 14.52 -15.30
CA CYS C 121 38.32 14.46 -16.74
C CYS C 121 39.50 13.89 -17.52
N SER C 122 39.27 12.73 -18.13
CA SER C 122 40.34 11.97 -18.78
C SER C 122 40.68 12.48 -20.16
N ALA C 123 41.80 11.96 -20.70
CA ALA C 123 42.31 12.31 -22.02
C ALA C 123 41.21 12.32 -23.07
N GLN C 124 40.35 11.31 -23.04
CA GLN C 124 39.25 11.23 -23.99
C GLN C 124 37.88 11.31 -23.31
N GLY C 125 37.61 12.48 -22.72
CA GLY C 125 36.26 12.92 -22.38
C GLY C 125 35.37 12.09 -21.47
N VAL C 126 35.96 11.48 -20.44
CA VAL C 126 35.19 10.74 -19.44
C VAL C 126 35.74 10.91 -18.03
N TRP C 127 34.86 11.27 -17.10
CA TRP C 127 35.22 11.42 -15.70
C TRP C 127 35.70 10.11 -15.15
N MET C 128 36.82 10.15 -14.42
CA MET C 128 37.47 8.90 -14.01
C MET C 128 38.17 8.90 -12.67
N ASN C 129 37.67 8.07 -11.77
CA ASN C 129 38.35 7.75 -10.53
C ASN C 129 39.44 6.75 -10.88
N LYS C 130 40.61 6.90 -10.28
CA LYS C 130 41.68 5.94 -10.49
C LYS C 130 41.40 4.60 -9.80
N VAL C 131 40.37 4.57 -8.96
CA VAL C 131 40.01 3.36 -8.21
C VAL C 131 38.89 2.58 -8.91
N LEU C 132 37.88 3.30 -9.42
CA LEU C 132 36.67 2.66 -9.94
C LEU C 132 36.51 2.79 -11.46
N GLY C 133 37.34 3.64 -12.07
CA GLY C 133 37.26 3.92 -13.50
C GLY C 133 36.10 4.85 -13.81
N ARG C 134 35.24 4.41 -14.72
CA ARG C 134 34.05 5.15 -15.12
C ARG C 134 32.93 5.08 -14.09
N SER C 135 32.81 3.93 -13.42
CA SER C 135 31.71 3.64 -12.51
C SER C 135 31.68 4.58 -11.30
N LEU C 136 30.51 5.15 -11.02
CA LEU C 136 30.34 6.11 -9.90
C LEU C 136 30.39 5.43 -8.54
N PRO C 137 30.62 6.22 -7.47
CA PRO C 137 30.65 5.62 -6.13
C PRO C 137 29.27 5.16 -5.64
N THR C 138 29.22 4.60 -4.43
CA THR C 138 27.97 4.14 -3.85
C THR C 138 27.83 4.67 -2.43
N CYS C 139 26.61 5.09 -2.08
CA CYS C 139 26.31 5.56 -0.74
C CYS C 139 25.50 4.52 0.02
N LEU C 140 25.89 4.30 1.27
CA LEU C 140 25.19 3.34 2.12
C LEU C 140 24.58 4.04 3.34
N PRO C 141 23.35 3.64 3.71
CA PRO C 141 22.68 4.18 4.89
C PRO C 141 23.49 3.96 6.17
N VAL C 142 23.65 5.02 6.97
CA VAL C 142 24.39 4.91 8.22
C VAL C 142 23.49 4.30 9.27
N CYS C 143 24.02 3.27 9.95
CA CYS C 143 23.25 2.47 10.89
C CYS C 143 23.30 2.99 12.34
N GLY C 144 22.46 2.40 13.18
CA GLY C 144 22.49 2.51 14.65
C GLY C 144 23.05 3.73 15.35
N LEU C 145 22.82 4.91 14.77
CA LEU C 145 23.27 6.14 15.43
C LEU C 145 22.11 7.11 15.63
N PRO C 146 21.33 6.90 16.71
CA PRO C 146 20.20 7.77 16.99
C PRO C 146 20.67 9.19 17.34
N LYS C 147 19.96 10.18 16.84
CA LYS C 147 20.30 11.58 17.10
C LYS C 147 19.82 12.00 18.49
N PHE C 148 18.95 11.21 19.09
CA PHE C 148 18.44 11.48 20.43
C PHE C 148 18.94 10.44 21.43
N SER C 149 19.53 10.93 22.52
CA SER C 149 19.98 10.04 23.60
C SER C 149 18.92 10.00 24.70
N ARG C 150 18.83 8.85 25.35
CA ARG C 150 17.79 8.57 26.35
C ARG C 150 18.17 9.06 27.76
N LYS C 151 17.26 9.81 28.38
CA LYS C 151 17.45 10.35 29.73
C LYS C 151 17.15 9.31 30.80
N ILE D 1 4.67 -5.85 26.23
CA ILE D 1 5.87 -5.59 27.09
C ILE D 1 5.46 -5.48 28.57
N PHE D 2 5.88 -6.47 29.36
CA PHE D 2 5.52 -6.61 30.77
C PHE D 2 6.44 -5.84 31.71
N ASN D 3 5.81 -5.09 32.62
CA ASN D 3 6.51 -4.22 33.57
C ASN D 3 7.50 -3.26 32.89
N GLY D 4 7.13 -2.80 31.70
CA GLY D 4 7.99 -1.94 30.90
C GLY D 4 7.84 -0.46 31.22
N ARG D 5 8.74 0.33 30.67
CA ARG D 5 8.66 1.78 30.76
C ARG D 5 8.41 2.34 29.36
N PRO D 6 7.70 3.47 29.26
CA PRO D 6 7.46 4.10 27.96
C PRO D 6 8.76 4.51 27.29
N ALA D 7 8.85 4.28 25.99
CA ALA D 7 10.02 4.64 25.22
C ALA D 7 10.04 6.15 24.97
N GLN D 8 11.21 6.76 25.16
CA GLN D 8 11.39 8.17 24.84
C GLN D 8 11.44 8.33 23.33
N LYS D 9 10.77 9.35 22.82
CA LYS D 9 10.70 9.61 21.39
C LYS D 9 12.09 9.78 20.77
N GLY D 10 12.27 9.25 19.57
CA GLY D 10 13.51 9.42 18.82
C GLY D 10 14.67 8.56 19.29
N THR D 11 14.39 7.60 20.17
CA THR D 11 15.42 6.70 20.72
C THR D 11 15.38 5.32 20.08
N THR D 12 14.39 5.11 19.21
CA THR D 12 14.23 3.86 18.46
C THR D 12 13.81 4.19 17.03
N PRO D 13 14.75 4.65 16.19
CA PRO D 13 14.37 5.04 14.83
C PRO D 13 14.23 3.86 13.87
N TRP D 14 14.76 2.70 14.27
CA TRP D 14 14.72 1.50 13.45
C TRP D 14 13.46 0.67 13.62
N ILE D 15 12.71 0.94 14.68
CA ILE D 15 11.51 0.14 14.98
C ILE D 15 10.46 0.28 13.89
N ALA D 16 9.90 -0.85 13.49
CA ALA D 16 8.85 -0.88 12.49
C ALA D 16 7.65 -1.65 12.98
N MET D 17 6.47 -1.14 12.64
CA MET D 17 5.22 -1.78 13.00
C MET D 17 4.66 -2.48 11.77
N LEU D 18 4.55 -3.81 11.87
CA LEU D 18 3.78 -4.58 10.91
C LEU D 18 2.31 -4.52 11.31
N SER D 19 1.47 -4.08 10.39
CA SER D 19 0.03 -3.89 10.66
C SER D 19 -0.85 -4.48 9.58
N HIS D 20 -2.10 -4.80 9.96
CA HIS D 20 -3.14 -5.00 8.98
C HIS D 20 -3.42 -3.66 8.37
N LEU D 21 -3.89 -3.67 7.12
CA LEU D 21 -4.17 -2.44 6.37
C LEU D 21 -5.17 -1.60 7.14
N ASN D 22 -5.81 -2.26 8.10
CA ASN D 22 -6.75 -1.66 9.02
C ASN D 22 -6.14 -0.61 9.94
N GLY D 23 -4.84 -0.73 10.18
CA GLY D 23 -4.16 0.09 11.17
C GLY D 23 -3.83 -0.73 12.40
N GLN D 24 -4.52 -1.87 12.54
CA GLN D 24 -4.32 -2.76 13.68
C GLN D 24 -2.96 -3.45 13.60
N PRO D 25 -2.12 -3.22 14.61
CA PRO D 25 -0.78 -3.79 14.69
C PRO D 25 -0.84 -5.26 15.06
N PHE D 26 0.14 -6.04 14.59
CA PHE D 26 0.22 -7.45 14.95
C PHE D 26 1.63 -7.97 15.19
N CYS D 27 2.64 -7.23 14.73
CA CYS D 27 4.04 -7.63 14.91
C CYS D 27 5.02 -6.47 14.87
N GLY D 28 6.18 -6.69 15.47
CA GLY D 28 7.30 -5.75 15.41
C GLY D 28 8.25 -6.03 14.25
N GLY D 29 9.11 -5.07 13.96
CA GLY D 29 10.11 -5.20 12.90
C GLY D 29 11.23 -4.21 13.06
N SER D 30 12.28 -4.35 12.27
CA SER D 30 13.41 -3.42 12.28
C SER D 30 13.91 -3.10 10.88
N LEU D 31 14.25 -1.84 10.66
CA LEU D 31 14.72 -1.41 9.36
C LEU D 31 16.19 -1.76 9.18
N LEU D 32 16.48 -2.48 8.09
CA LEU D 32 17.84 -2.76 7.67
C LEU D 32 18.11 -2.07 6.35
N GLY D 33 19.25 -1.37 6.29
CA GLY D 33 19.66 -0.63 5.10
C GLY D 33 18.58 0.29 4.55
N SER D 34 18.48 0.34 3.24
CA SER D 34 17.51 1.18 2.55
C SER D 34 16.08 0.62 2.62
N SER D 35 15.87 -0.59 2.13
CA SER D 35 14.51 -1.09 1.92
C SER D 35 14.19 -2.47 2.52
N TRP D 36 14.86 -2.83 3.60
CA TRP D 36 14.62 -4.11 4.24
C TRP D 36 14.16 -4.01 5.67
N ILE D 37 13.29 -4.92 6.05
CA ILE D 37 12.84 -5.05 7.44
C ILE D 37 12.90 -6.50 7.88
N VAL D 38 13.55 -6.73 9.01
CA VAL D 38 13.73 -8.06 9.55
C VAL D 38 12.76 -8.27 10.72
N THR D 39 12.00 -9.36 10.62
CA THR D 39 10.91 -9.63 11.56
C THR D 39 10.95 -11.10 12.07
N ALA D 40 9.82 -11.60 12.57
CA ALA D 40 9.70 -13.01 12.94
C ALA D 40 9.08 -13.82 11.83
N ALA D 41 9.58 -15.05 11.65
CA ALA D 41 9.13 -15.94 10.58
C ALA D 41 7.65 -16.30 10.69
N HIS D 42 7.13 -16.29 11.91
CA HIS D 42 5.73 -16.65 12.14
C HIS D 42 4.79 -15.51 11.87
N CYS D 43 5.29 -14.27 11.98
CA CYS D 43 4.49 -13.08 11.70
C CYS D 43 4.01 -13.02 10.25
N LEU D 44 4.66 -13.77 9.37
CA LEU D 44 4.44 -13.62 7.92
C LEU D 44 3.66 -14.77 7.25
N HIS D 45 2.88 -15.50 8.05
CA HIS D 45 1.99 -16.54 7.51
C HIS D 45 0.82 -16.79 8.42
N GLN D 46 -0.32 -17.16 7.84
CA GLN D 46 -1.55 -17.40 8.57
C GLN D 46 -1.42 -18.54 9.59
N SER D 47 -2.40 -18.65 10.49
CA SER D 47 -2.46 -19.75 11.45
C SER D 47 -2.58 -21.10 10.74
N LEU D 48 -1.55 -21.93 10.88
CA LEU D 48 -1.49 -23.21 10.17
C LEU D 48 -2.41 -24.27 10.74
N ASP D 49 -3.09 -25.00 9.85
CA ASP D 49 -4.00 -26.07 10.23
C ASP D 49 -3.28 -27.27 10.84
N PRO D 50 -3.72 -27.72 12.04
CA PRO D 50 -3.08 -28.82 12.77
C PRO D 50 -3.30 -30.18 12.14
N LYS D 51 -4.35 -30.33 11.32
CA LYS D 51 -4.68 -31.59 10.65
C LYS D 51 -3.56 -32.12 9.75
N ASP D 52 -2.73 -31.19 9.25
CA ASP D 52 -1.52 -31.50 8.51
C ASP D 52 -0.53 -30.34 8.71
N PRO D 53 0.14 -30.29 9.88
CA PRO D 53 0.85 -29.10 10.35
C PRO D 53 2.21 -28.84 9.66
N THR D 54 2.22 -28.89 8.32
CA THR D 54 3.41 -28.59 7.51
C THR D 54 3.23 -27.29 6.70
N LEU D 55 4.31 -26.52 6.55
CA LEU D 55 4.26 -25.20 5.89
C LEU D 55 4.04 -25.26 4.37
N ARG D 56 3.29 -24.29 3.85
CA ARG D 56 2.95 -24.23 2.44
C ARG D 56 2.92 -22.79 1.91
N ASP D 57 2.95 -22.65 0.58
CA ASP D 57 2.89 -21.34 -0.05
C ASP D 57 1.51 -20.69 0.09
N SER D 58 0.48 -21.53 0.07
CA SER D 58 -0.90 -21.07 0.20
C SER D 58 -1.18 -20.39 1.53
N ASP D 59 -0.50 -20.86 2.59
CA ASP D 59 -0.70 -20.30 3.93
C ASP D 59 0.31 -19.20 4.29
N LEU D 60 0.98 -18.65 3.28
CA LEU D 60 1.82 -17.48 3.48
C LEU D 60 0.95 -16.24 3.56
N LEU D 61 1.50 -15.18 4.14
CA LEU D 61 0.82 -13.90 4.19
C LEU D 61 1.11 -13.09 2.93
N SER D 62 0.06 -12.63 2.26
CA SER D 62 0.18 -11.90 1.01
C SER D 62 0.73 -10.48 1.22
N PRO D 63 1.64 -10.02 0.33
CA PRO D 63 2.24 -8.70 0.39
C PRO D 63 1.23 -7.56 0.28
N SER D 64 0.01 -7.89 -0.15
CA SER D 64 -1.05 -6.91 -0.30
C SER D 64 -2.05 -6.96 0.87
N ASP D 65 -1.78 -7.81 1.86
CA ASP D 65 -2.71 -7.99 2.98
C ASP D 65 -2.27 -7.24 4.24
N PHE D 66 -1.08 -6.64 4.20
CA PHE D 66 -0.53 -5.92 5.35
C PHE D 66 0.39 -4.77 4.93
N LYS D 67 0.72 -3.92 5.88
CA LYS D 67 1.55 -2.77 5.59
C LYS D 67 2.61 -2.57 6.66
N ILE D 68 3.56 -1.68 6.38
CA ILE D 68 4.66 -1.40 7.27
C ILE D 68 4.64 0.06 7.66
N ILE D 69 4.72 0.34 8.96
CA ILE D 69 4.75 1.71 9.44
C ILE D 69 6.05 2.07 10.14
N LEU D 70 6.74 3.08 9.62
CA LEU D 70 8.02 3.50 10.17
C LEU D 70 7.95 4.87 10.81
N GLY D 71 8.73 5.06 11.87
CA GLY D 71 8.74 6.33 12.61
C GLY D 71 7.55 6.49 13.54
N LYS D 72 6.91 5.38 13.88
CA LYS D 72 5.75 5.39 14.76
C LYS D 72 6.16 5.46 16.23
N HIS D 73 5.29 6.05 17.04
CA HIS D 73 5.50 6.15 18.48
C HIS D 73 4.26 5.79 19.24
N TRP D 74 3.13 6.31 18.78
CA TRP D 74 1.83 6.01 19.38
C TRP D 74 1.34 4.73 18.78
N ARG D 75 0.42 4.05 19.47
CA ARG D 75 -0.05 2.76 18.97
C ARG D 75 -1.12 2.92 17.90
N LEU D 76 -2.15 3.72 18.19
CA LEU D 76 -3.25 3.92 17.25
C LEU D 76 -3.40 5.39 16.84
N ARG D 77 -2.70 6.26 17.54
CA ARG D 77 -2.67 7.68 17.19
C ARG D 77 -1.53 7.91 16.19
N SER D 78 -1.60 9.01 15.45
CA SER D 78 -0.63 9.28 14.38
C SER D 78 0.35 10.41 14.68
N ASP D 79 1.56 10.29 14.13
CA ASP D 79 2.59 11.33 14.19
C ASP D 79 2.61 12.04 12.84
N GLU D 80 3.56 12.94 12.65
CA GLU D 80 3.93 13.33 11.29
C GLU D 80 5.07 12.44 10.84
N ASN D 81 5.79 11.86 11.80
CA ASN D 81 6.95 11.04 11.52
C ASN D 81 6.64 9.68 10.90
N GLU D 82 5.40 9.24 11.07
CA GLU D 82 4.96 7.96 10.54
C GLU D 82 5.06 7.92 9.02
N GLN D 83 5.76 6.92 8.50
CA GLN D 83 5.78 6.64 7.06
C GLN D 83 5.15 5.27 6.80
N HIS D 84 4.18 5.25 5.90
CA HIS D 84 3.48 4.01 5.58
C HIS D 84 3.94 3.48 4.26
N LEU D 85 4.53 2.29 4.30
CA LEU D 85 5.14 1.71 3.11
C LEU D 85 4.62 0.31 2.83
N GLY D 86 4.42 0.02 1.55
CA GLY D 86 3.94 -1.27 1.09
C GLY D 86 5.06 -2.28 1.02
N VAL D 87 4.69 -3.52 0.72
CA VAL D 87 5.64 -4.61 0.65
C VAL D 87 5.80 -5.07 -0.79
N LYS D 88 7.03 -5.33 -1.21
CA LYS D 88 7.26 -5.94 -2.50
C LYS D 88 7.26 -7.47 -2.37
N HIS D 89 8.19 -8.01 -1.58
CA HIS D 89 8.29 -9.46 -1.39
CA HIS D 89 8.33 -9.46 -1.40
C HIS D 89 8.69 -9.79 0.01
N THR D 90 8.37 -11.00 0.44
CA THR D 90 8.75 -11.50 1.77
C THR D 90 9.53 -12.80 1.65
N THR D 91 10.39 -13.07 2.63
CA THR D 91 11.17 -14.31 2.62
C THR D 91 11.48 -14.81 4.02
N LEU D 92 11.14 -16.07 4.27
CA LEU D 92 11.40 -16.69 5.57
C LEU D 92 12.68 -17.49 5.48
N HIS D 93 13.43 -17.52 6.57
CA HIS D 93 14.63 -18.34 6.64
C HIS D 93 14.27 -19.73 6.19
N PRO D 94 15.00 -20.26 5.18
CA PRO D 94 14.69 -21.55 4.56
C PRO D 94 14.51 -22.70 5.54
N GLN D 95 15.35 -22.74 6.58
CA GLN D 95 15.23 -23.75 7.64
C GLN D 95 14.52 -23.22 8.88
N TYR D 96 13.31 -22.73 8.69
CA TYR D 96 12.44 -22.33 9.81
C TYR D 96 11.44 -23.44 10.07
N ASP D 97 11.32 -23.83 11.34
CA ASP D 97 10.27 -24.75 11.73
C ASP D 97 9.23 -24.02 12.58
N PRO D 98 7.94 -24.14 12.19
CA PRO D 98 6.87 -23.43 12.89
C PRO D 98 6.57 -24.07 14.24
N ASN D 99 6.85 -25.36 14.35
CA ASN D 99 6.53 -26.15 15.54
C ASN D 99 7.68 -26.22 16.55
N THR D 100 8.85 -25.74 16.15
CA THR D 100 10.01 -25.77 17.04
C THR D 100 10.56 -24.36 17.26
N PHE D 101 10.02 -23.40 16.50
CA PHE D 101 10.42 -22.00 16.53
C PHE D 101 11.85 -21.76 16.03
N GLU D 102 12.50 -22.83 15.56
CA GLU D 102 13.87 -22.76 15.03
C GLU D 102 13.96 -21.76 13.90
N ASN D 103 14.95 -20.89 13.97
CA ASN D 103 15.19 -19.87 12.94
C ASN D 103 13.93 -19.04 12.64
N ASP D 104 13.42 -18.39 13.68
CA ASP D 104 12.21 -17.58 13.58
C ASP D 104 12.52 -16.17 13.05
N VAL D 105 13.37 -16.13 12.01
CA VAL D 105 13.79 -14.88 11.38
C VAL D 105 13.28 -14.79 9.95
N ALA D 106 12.86 -13.60 9.55
CA ALA D 106 12.24 -13.40 8.24
C ALA D 106 12.46 -11.99 7.72
N LEU D 107 12.51 -11.87 6.40
CA LEU D 107 12.81 -10.59 5.77
C LEU D 107 11.67 -10.10 4.90
N VAL D 108 11.51 -8.78 4.84
CA VAL D 108 10.50 -8.14 4.01
C VAL D 108 11.13 -7.07 3.13
N GLU D 109 11.09 -7.28 1.82
CA GLU D 109 11.56 -6.28 0.86
C GLU D 109 10.46 -5.24 0.70
N LEU D 110 10.80 -4.00 1.00
CA LEU D 110 9.84 -2.90 0.88
C LEU D 110 9.62 -2.50 -0.56
N LEU D 111 8.39 -2.08 -0.85
CA LEU D 111 7.99 -1.66 -2.19
C LEU D 111 8.67 -0.35 -2.58
N GLU D 112 8.90 0.50 -1.58
CA GLU D 112 9.56 1.80 -1.76
C GLU D 112 10.44 2.10 -0.54
N SER D 113 11.59 2.73 -0.79
CA SER D 113 12.53 3.06 0.29
C SER D 113 12.05 4.27 1.11
N PRO D 114 12.08 4.16 2.46
CA PRO D 114 11.68 5.26 3.33
C PRO D 114 12.69 6.42 3.26
N VAL D 115 12.24 7.60 3.65
CA VAL D 115 13.12 8.77 3.73
C VAL D 115 13.83 8.76 5.08
N LEU D 116 15.11 8.41 5.09
CA LEU D 116 15.88 8.34 6.33
C LEU D 116 15.98 9.71 6.95
N ASN D 117 15.71 9.78 8.25
CA ASN D 117 15.85 11.02 9.03
C ASN D 117 16.05 10.73 10.51
N ALA D 118 16.03 11.77 11.34
CA ALA D 118 16.20 11.64 12.78
C ALA D 118 15.35 10.54 13.38
N PHE D 119 14.15 10.36 12.82
CA PHE D 119 13.15 9.45 13.37
C PHE D 119 13.08 8.08 12.70
N VAL D 120 13.66 7.98 11.50
CA VAL D 120 13.74 6.70 10.77
C VAL D 120 15.17 6.51 10.24
N MET D 121 15.80 5.40 10.65
CA MET D 121 17.11 5.01 10.16
C MET D 121 17.40 3.57 10.61
N PRO D 122 18.33 2.87 9.92
CA PRO D 122 18.51 1.44 10.19
C PRO D 122 19.32 1.13 11.43
N ILE D 123 19.10 -0.06 11.98
CA ILE D 123 19.95 -0.62 13.02
C ILE D 123 21.15 -1.29 12.34
N CYS D 124 22.15 -1.67 13.13
CA CYS D 124 23.30 -2.40 12.61
C CYS D 124 23.18 -3.88 12.85
N LEU D 125 23.81 -4.66 11.97
CA LEU D 125 23.97 -6.09 12.19
C LEU D 125 25.18 -6.27 13.10
N PRO D 126 25.15 -7.29 13.98
CA PRO D 126 26.26 -7.50 14.93
C PRO D 126 27.55 -7.92 14.24
N GLU D 127 28.65 -7.27 14.59
CA GLU D 127 29.96 -7.61 14.00
C GLU D 127 30.61 -8.78 14.73
N GLY D 128 30.00 -9.18 15.85
CA GLY D 128 30.47 -10.31 16.66
C GLY D 128 29.38 -10.95 17.51
N PRO D 129 29.73 -11.99 18.30
CA PRO D 129 28.75 -12.68 19.15
C PRO D 129 28.58 -12.01 20.52
N GLN D 130 27.49 -12.33 21.20
CA GLN D 130 27.13 -11.62 22.43
C GLN D 130 27.93 -12.00 23.66
N GLN D 131 28.31 -11.00 24.44
CA GLN D 131 28.93 -11.21 25.74
C GLN D 131 27.87 -11.55 26.77
N GLU D 132 28.18 -12.53 27.62
CA GLU D 132 27.26 -13.03 28.62
C GLU D 132 27.02 -11.99 29.72
N GLY D 133 25.82 -11.42 29.74
CA GLY D 133 25.43 -10.49 30.79
C GLY D 133 25.16 -9.07 30.32
N ALA D 134 25.58 -8.77 29.09
CA ALA D 134 25.34 -7.46 28.49
C ALA D 134 23.85 -7.10 28.53
N MET D 135 23.57 -5.87 28.94
CA MET D 135 22.20 -5.38 29.04
C MET D 135 21.65 -5.05 27.67
N VAL D 136 20.41 -5.47 27.42
CA VAL D 136 19.75 -5.22 26.12
C VAL D 136 18.44 -4.45 26.29
N ILE D 137 18.12 -3.64 25.28
CA ILE D 137 16.81 -2.98 25.22
C ILE D 137 15.93 -3.72 24.24
N VAL D 138 14.71 -4.02 24.68
CA VAL D 138 13.71 -4.70 23.88
C VAL D 138 12.46 -3.82 23.82
N SER D 139 11.89 -3.66 22.62
CA SER D 139 10.76 -2.74 22.43
C SER D 139 9.58 -3.35 21.68
N GLY D 140 8.37 -2.94 22.04
CA GLY D 140 7.15 -3.41 21.39
C GLY D 140 5.89 -2.71 21.84
N TRP D 141 4.80 -2.93 21.09
CA TRP D 141 3.50 -2.41 21.44
C TRP D 141 2.61 -3.54 21.88
N GLY D 142 3.17 -4.46 22.68
CA GLY D 142 2.47 -5.67 23.07
C GLY D 142 1.65 -5.55 24.34
N LYS D 143 0.93 -6.61 24.66
CA LYS D 143 0.12 -6.68 25.88
C LYS D 143 1.01 -6.47 27.11
N GLN D 144 0.45 -5.85 28.14
CA GLN D 144 1.16 -5.64 29.41
C GLN D 144 0.36 -6.22 30.58
N PHE D 145 0.73 -5.86 31.80
CA PHE D 145 0.07 -6.41 33.00
C PHE D 145 -1.42 -6.07 33.06
N LEU D 146 -2.21 -7.07 33.49
CA LEU D 146 -3.68 -7.04 33.45
C LEU D 146 -4.23 -7.03 32.00
N GLN D 147 -3.44 -7.54 31.07
CA GLN D 147 -3.81 -7.72 29.65
C GLN D 147 -4.12 -6.44 28.86
N ARG D 148 -3.80 -5.28 29.43
CA ARG D 148 -4.11 -3.99 28.78
C ARG D 148 -3.17 -3.67 27.62
N PHE D 149 -3.51 -2.63 26.85
CA PHE D 149 -2.64 -2.16 25.76
C PHE D 149 -2.10 -0.77 26.06
N PRO D 150 -0.89 -0.45 25.56
CA PRO D 150 -0.32 0.87 25.78
C PRO D 150 -0.67 1.85 24.69
N GLU D 151 -0.63 3.13 25.03
CA GLU D 151 -0.82 4.18 24.04
C GLU D 151 0.44 4.40 23.24
N THR D 152 1.57 4.15 23.90
CA THR D 152 2.89 4.51 23.40
C THR D 152 3.78 3.27 23.37
N LEU D 153 4.87 3.33 22.61
CA LEU D 153 5.87 2.26 22.58
C LEU D 153 6.46 2.01 23.98
N MET D 154 6.73 0.75 24.29
CA MET D 154 7.27 0.37 25.59
C MET D 154 8.62 -0.33 25.42
N GLU D 155 9.51 -0.15 26.39
CA GLU D 155 10.82 -0.83 26.37
C GLU D 155 11.30 -1.34 27.75
N ILE D 156 12.16 -2.35 27.72
CA ILE D 156 12.79 -2.89 28.92
C ILE D 156 14.30 -3.04 28.76
N GLU D 157 15.04 -2.75 29.82
CA GLU D 157 16.48 -2.98 29.85
C GLU D 157 16.75 -4.24 30.66
N ILE D 158 17.16 -5.30 29.98
CA ILE D 158 17.38 -6.59 30.64
C ILE D 158 18.72 -7.26 30.28
N PRO D 159 19.30 -8.03 31.21
CA PRO D 159 20.54 -8.74 30.90
C PRO D 159 20.31 -9.96 30.00
N ILE D 160 21.29 -10.26 29.18
CA ILE D 160 21.29 -11.50 28.41
C ILE D 160 21.59 -12.66 29.33
N VAL D 161 20.86 -13.75 29.15
CA VAL D 161 21.12 -15.00 29.86
C VAL D 161 21.95 -15.86 28.94
N ASP D 162 23.15 -16.26 29.41
CA ASP D 162 24.03 -17.05 28.57
C ASP D 162 23.41 -18.38 28.22
N HIS D 163 23.47 -18.72 26.92
CA HIS D 163 22.72 -19.83 26.33
C HIS D 163 22.68 -21.07 27.17
N SER D 164 23.82 -21.43 27.76
CA SER D 164 23.90 -22.60 28.62
C SER D 164 22.91 -22.49 29.77
N THR D 165 23.06 -21.45 30.59
CA THR D 165 22.20 -21.23 31.75
C THR D 165 20.73 -21.03 31.37
N CYS D 166 20.49 -20.66 30.11
CA CYS D 166 19.12 -20.56 29.60
C CYS D 166 18.53 -21.95 29.35
N GLN D 167 19.24 -22.77 28.59
CA GLN D 167 18.76 -24.08 28.18
C GLN D 167 18.44 -24.97 29.37
N LYS D 168 19.18 -24.76 30.45
CA LYS D 168 18.98 -25.48 31.71
C LYS D 168 17.65 -25.14 32.38
N ALA D 169 17.04 -24.03 31.97
CA ALA D 169 15.75 -23.63 32.51
C ALA D 169 14.59 -24.26 31.75
N TYR D 170 14.77 -24.49 30.46
CA TYR D 170 13.71 -25.05 29.62
C TYR D 170 13.79 -26.57 29.44
N ALA D 171 14.84 -27.15 29.99
CA ALA D 171 14.85 -28.58 30.29
C ALA D 171 14.65 -28.69 31.80
N PRO D 172 14.02 -29.79 32.27
CA PRO D 172 13.45 -30.89 31.50
C PRO D 172 11.95 -30.71 31.33
N LEU D 173 11.55 -29.59 30.74
CA LEU D 173 10.15 -29.37 30.42
C LEU D 173 9.88 -29.78 28.98
N LYS D 174 10.79 -30.58 28.43
CA LYS D 174 10.71 -31.08 27.05
C LYS D 174 10.60 -29.95 26.02
N LYS D 175 11.40 -28.90 26.21
CA LYS D 175 11.47 -27.80 25.26
C LYS D 175 12.90 -27.64 24.76
N LYS D 176 13.06 -27.66 23.45
CA LYS D 176 14.37 -27.53 22.81
C LYS D 176 14.74 -26.07 22.62
N VAL D 177 15.97 -25.72 23.01
CA VAL D 177 16.54 -24.40 22.67
C VAL D 177 17.78 -24.60 21.80
N THR D 178 17.62 -24.38 20.50
CA THR D 178 18.73 -24.50 19.57
C THR D 178 19.65 -23.27 19.65
N ARG D 179 20.88 -23.44 19.15
CA ARG D 179 21.90 -22.39 19.22
C ARG D 179 21.47 -21.09 18.53
N ASP D 180 20.59 -21.20 17.54
CA ASP D 180 20.07 -20.01 16.83
C ASP D 180 19.10 -19.18 17.68
N MET D 181 18.94 -19.58 18.93
CA MET D 181 18.03 -18.90 19.85
C MET D 181 18.80 -18.28 20.99
N ILE D 182 18.41 -17.05 21.35
CA ILE D 182 19.04 -16.35 22.46
C ILE D 182 17.98 -15.99 23.51
N CYS D 183 18.40 -16.00 24.77
CA CYS D 183 17.49 -15.75 25.90
C CYS D 183 17.90 -14.49 26.64
N ALA D 184 16.89 -13.74 27.10
CA ALA D 184 17.15 -12.55 27.90
C ALA D 184 16.03 -12.33 28.90
N GLY D 185 16.40 -11.80 30.07
CA GLY D 185 15.46 -11.61 31.16
C GLY D 185 16.12 -11.91 32.49
N GLU D 186 15.40 -11.66 33.57
CA GLU D 186 15.95 -11.87 34.90
C GLU D 186 15.53 -13.23 35.47
N LYS D 187 16.35 -13.75 36.38
CA LYS D 187 16.08 -15.03 37.04
C LYS D 187 14.74 -14.99 37.77
N GLU D 188 14.45 -13.84 38.39
CA GLU D 188 13.20 -13.63 39.12
C GLU D 188 12.05 -13.34 38.16
N GLY D 189 12.40 -13.00 36.93
CA GLY D 189 11.42 -12.61 35.92
C GLY D 189 10.78 -11.28 36.24
N GLY D 190 9.68 -10.99 35.57
CA GLY D 190 8.97 -9.72 35.76
C GLY D 190 8.99 -8.92 34.47
N LYS D 191 10.18 -8.62 34.00
CA LYS D 191 10.35 -7.90 32.74
C LYS D 191 10.44 -8.92 31.60
N ASP D 192 9.48 -8.83 30.67
CA ASP D 192 9.43 -9.72 29.52
C ASP D 192 8.53 -9.14 28.43
N ALA D 193 8.79 -9.54 27.18
CA ALA D 193 7.94 -9.19 26.05
C ALA D 193 6.67 -10.04 26.06
N CYS D 194 5.65 -9.63 25.30
CA CYS D 194 4.39 -10.36 25.28
C CYS D 194 3.66 -10.47 23.93
N ALA D 195 2.40 -10.88 23.99
CA ALA D 195 1.58 -11.08 22.79
C ALA D 195 1.53 -9.81 21.95
N GLY D 196 1.98 -9.94 20.70
CA GLY D 196 2.03 -8.82 19.77
C GLY D 196 3.32 -8.03 19.86
N ASP D 197 4.35 -8.66 20.42
CA ASP D 197 5.69 -8.06 20.45
C ASP D 197 6.61 -8.72 19.42
N SER D 198 6.20 -9.87 18.91
CA SER D 198 6.98 -10.66 17.95
C SER D 198 7.63 -9.85 16.84
N GLY D 199 8.90 -10.12 16.60
CA GLY D 199 9.67 -9.42 15.57
C GLY D 199 10.31 -8.16 16.10
N GLY D 200 9.93 -7.78 17.32
CA GLY D 200 10.47 -6.58 17.96
C GLY D 200 11.96 -6.67 18.19
N PRO D 201 12.68 -5.54 18.03
CA PRO D 201 14.14 -5.50 18.16
C PRO D 201 14.63 -5.73 19.58
N MET D 202 15.75 -6.45 19.68
CA MET D 202 16.55 -6.50 20.90
C MET D 202 17.90 -5.89 20.57
N VAL D 203 18.23 -4.76 21.20
CA VAL D 203 19.41 -4.00 20.82
C VAL D 203 20.41 -3.77 21.97
N THR D 204 21.70 -3.80 21.64
CA THR D 204 22.74 -3.27 22.53
C THR D 204 23.52 -2.20 21.79
N LEU D 205 24.03 -1.24 22.56
CA LEU D 205 25.05 -0.36 22.04
C LEU D 205 26.37 -1.12 22.10
N ASN D 206 27.19 -0.95 21.06
CA ASN D 206 28.54 -1.47 21.10
C ASN D 206 29.58 -0.38 21.33
N ARG D 207 30.28 -0.47 22.46
CA ARG D 207 31.58 0.13 22.58
C ARG D 207 32.55 -0.94 22.02
N GLU D 208 33.51 -0.54 21.20
CA GLU D 208 33.84 0.86 20.96
C GLU D 208 33.51 1.35 19.55
N ARG D 209 32.64 0.64 18.83
CA ARG D 209 32.22 1.08 17.50
C ARG D 209 31.36 2.36 17.58
N GLY D 210 30.64 2.50 18.70
CA GLY D 210 29.78 3.65 18.94
C GLY D 210 28.35 3.47 18.45
N GLN D 211 28.09 2.38 17.73
CA GLN D 211 26.79 2.13 17.11
C GLN D 211 25.92 1.22 17.95
N TRP D 212 24.62 1.34 17.75
CA TRP D 212 23.65 0.37 18.25
C TRP D 212 23.45 -0.69 17.22
N TYR D 213 23.29 -1.93 17.67
CA TYR D 213 23.12 -3.05 16.77
C TYR D 213 22.09 -4.08 17.25
N LEU D 214 21.45 -4.74 16.30
CA LEU D 214 20.38 -5.70 16.54
C LEU D 214 20.94 -7.06 17.00
N VAL D 215 20.60 -7.44 18.22
CA VAL D 215 21.02 -8.72 18.80
C VAL D 215 20.07 -9.82 18.35
N GLY D 216 18.77 -9.53 18.45
CA GLY D 216 17.74 -10.51 18.17
C GLY D 216 16.33 -9.95 18.12
N THR D 217 15.38 -10.84 17.82
CA THR D 217 13.98 -10.45 17.62
C THR D 217 13.06 -11.28 18.51
N VAL D 218 12.05 -10.62 19.08
CA VAL D 218 11.08 -11.28 19.94
C VAL D 218 10.45 -12.48 19.24
N SER D 219 10.49 -13.63 19.90
CA SER D 219 10.01 -14.88 19.31
C SER D 219 8.93 -15.59 20.15
N TRP D 220 9.33 -16.20 21.26
CA TRP D 220 8.44 -17.03 22.08
C TRP D 220 8.81 -17.11 23.54
N GLY D 221 7.92 -17.71 24.33
CA GLY D 221 8.15 -17.98 25.75
C GLY D 221 6.97 -18.75 26.34
N ASP D 222 7.07 -19.10 27.62
CA ASP D 222 5.95 -19.75 28.31
C ASP D 222 4.82 -18.74 28.53
N ASP D 223 4.97 -17.92 29.56
CA ASP D 223 4.07 -16.80 29.80
C ASP D 223 4.90 -15.57 30.07
N CYS D 224 4.30 -14.40 29.89
CA CYS D 224 5.02 -13.15 30.03
C CYS D 224 5.31 -12.82 31.48
N GLY D 225 6.60 -12.80 31.80
CA GLY D 225 7.09 -12.37 33.12
C GLY D 225 7.06 -13.40 34.23
N LYS D 226 7.03 -14.69 33.89
CA LYS D 226 7.02 -15.75 34.90
C LYS D 226 8.35 -15.90 35.62
N LYS D 227 8.29 -16.41 36.84
CA LYS D 227 9.50 -16.71 37.63
C LYS D 227 10.31 -17.80 36.94
N ASP D 228 11.64 -17.66 37.01
CA ASP D 228 12.60 -18.65 36.48
C ASP D 228 12.34 -19.10 35.03
N ARG D 229 12.03 -18.12 34.19
CA ARG D 229 11.77 -18.31 32.77
C ARG D 229 12.12 -17.04 32.04
N TYR D 230 12.96 -17.16 31.01
CA TYR D 230 13.39 -15.98 30.25
C TYR D 230 12.81 -16.00 28.85
N GLY D 231 12.45 -14.81 28.35
CA GLY D 231 11.95 -14.65 26.98
C GLY D 231 12.96 -15.12 25.95
N VAL D 232 12.47 -15.57 24.79
CA VAL D 232 13.34 -16.10 23.74
C VAL D 232 13.27 -15.26 22.46
N TYR D 233 14.45 -15.08 21.86
CA TYR D 233 14.63 -14.22 20.69
C TYR D 233 15.50 -14.95 19.67
N SER D 234 15.34 -14.60 18.40
CA SER D 234 16.13 -15.21 17.33
C SER D 234 17.53 -14.60 17.29
N TYR D 235 18.56 -15.43 17.41
CA TYR D 235 19.94 -14.97 17.39
C TYR D 235 20.31 -14.52 15.98
N ILE D 236 20.61 -13.24 15.83
CA ILE D 236 20.89 -12.67 14.51
C ILE D 236 22.29 -13.02 14.00
N HIS D 237 23.24 -13.11 14.93
CA HIS D 237 24.60 -13.51 14.59
C HIS D 237 24.65 -14.89 13.98
N HIS D 238 23.64 -15.72 14.29
CA HIS D 238 23.58 -17.07 13.74
C HIS D 238 22.94 -17.11 12.38
N ASN D 239 22.14 -16.09 12.07
CA ASN D 239 21.48 -16.04 10.77
C ASN D 239 21.98 -14.92 9.86
N LYS D 240 22.99 -14.18 10.32
CA LYS D 240 23.61 -13.10 9.56
C LYS D 240 23.95 -13.50 8.12
N ASP D 241 24.46 -14.72 7.97
CA ASP D 241 24.83 -15.28 6.68
C ASP D 241 23.69 -15.16 5.66
N TRP D 242 22.58 -15.84 5.96
CA TRP D 242 21.41 -15.83 5.09
C TRP D 242 20.94 -14.42 4.81
N ILE D 243 20.93 -13.60 5.85
CA ILE D 243 20.40 -12.24 5.76
C ILE D 243 21.17 -11.41 4.76
N GLN D 244 22.50 -11.43 4.87
CA GLN D 244 23.37 -10.64 4.00
C GLN D 244 23.31 -11.14 2.56
N ARG D 245 23.07 -12.44 2.42
CA ARG D 245 22.89 -13.07 1.11
C ARG D 245 21.62 -12.53 0.43
N VAL D 246 20.53 -12.44 1.19
CA VAL D 246 19.24 -11.99 0.65
C VAL D 246 19.22 -10.47 0.39
N THR D 247 19.65 -9.70 1.39
CA THR D 247 19.64 -8.24 1.32
C THR D 247 20.90 -7.71 0.62
N GLY D 248 22.05 -8.03 1.17
CA GLY D 248 23.29 -7.43 0.72
C GLY D 248 23.58 -6.17 1.52
N VAL D 249 23.05 -6.12 2.74
CA VAL D 249 23.29 -4.99 3.63
C VAL D 249 24.66 -5.08 4.29
N ARG D 250 25.57 -4.22 3.84
CA ARG D 250 26.84 -4.00 4.51
C ARG D 250 26.57 -3.01 5.65
N ASN D 251 27.43 -3.04 6.68
CA ASN D 251 27.32 -2.06 7.76
C ASN D 251 28.16 -0.82 7.49
N VAL E 5 -42.93 -23.63 25.53
CA VAL E 5 -41.92 -23.19 24.52
C VAL E 5 -40.77 -24.21 24.35
N THR E 6 -41.07 -25.49 24.60
CA THR E 6 -40.10 -26.58 24.44
C THR E 6 -39.88 -26.90 22.96
N CYS E 7 -39.06 -27.92 22.68
CA CYS E 7 -38.73 -28.33 21.31
C CYS E 7 -38.02 -29.67 21.28
N GLU E 8 -38.07 -30.33 20.12
CA GLU E 8 -37.35 -31.59 19.90
C GLU E 8 -35.86 -31.32 19.73
N PRO E 9 -35.03 -31.80 20.69
CA PRO E 9 -33.60 -31.47 20.77
C PRO E 9 -32.75 -32.08 19.66
N GLY E 10 -33.38 -32.37 18.53
CA GLY E 10 -32.69 -32.90 17.36
C GLY E 10 -31.83 -31.87 16.66
N THR E 11 -32.19 -31.55 15.43
CA THR E 11 -31.38 -30.63 14.63
C THR E 11 -32.13 -29.38 14.11
N THR E 12 -32.81 -29.50 12.97
CA THR E 12 -33.38 -28.33 12.28
C THR E 12 -34.90 -28.35 12.18
N PHE E 13 -35.53 -27.26 12.62
CA PHE E 13 -36.95 -27.03 12.43
C PHE E 13 -37.20 -25.55 12.12
N LYS E 14 -38.40 -25.21 11.64
CA LYS E 14 -38.72 -23.83 11.29
C LYS E 14 -39.68 -23.17 12.27
N ASP E 15 -39.16 -22.21 13.04
CA ASP E 15 -39.99 -21.40 13.91
C ASP E 15 -40.59 -20.25 13.10
N LYS E 16 -41.84 -20.45 12.68
CA LYS E 16 -42.50 -19.58 11.70
C LYS E 16 -41.61 -19.41 10.46
N CYS E 17 -41.34 -18.17 10.06
CA CYS E 17 -40.51 -17.90 8.88
C CYS E 17 -39.02 -18.15 9.14
N ASN E 18 -38.62 -18.10 10.40
CA ASN E 18 -37.22 -18.27 10.78
C ASN E 18 -36.82 -19.73 10.97
N THR E 19 -35.57 -20.02 10.62
CA THR E 19 -35.00 -21.35 10.75
C THR E 19 -34.34 -21.49 12.12
N CYS E 20 -34.43 -22.67 12.71
CA CYS E 20 -33.99 -22.87 14.09
C CYS E 20 -33.23 -24.17 14.32
N ARG E 21 -32.52 -24.21 15.45
CA ARG E 21 -31.84 -25.40 15.93
C ARG E 21 -32.01 -25.52 17.43
N CYS E 22 -32.22 -26.73 17.92
CA CYS E 22 -32.34 -26.97 19.36
C CYS E 22 -31.06 -27.50 19.99
N GLY E 23 -30.75 -27.01 21.18
CA GLY E 23 -29.56 -27.43 21.93
C GLY E 23 -29.67 -28.85 22.47
N SER E 24 -28.68 -29.25 23.27
CA SER E 24 -28.66 -30.58 23.89
C SER E 24 -29.92 -30.84 24.73
N ASP E 25 -30.42 -29.76 25.36
CA ASP E 25 -31.74 -29.76 25.98
C ASP E 25 -32.76 -29.19 25.00
N GLY E 26 -34.00 -29.65 25.12
CA GLY E 26 -35.07 -29.21 24.23
C GLY E 26 -35.68 -27.88 24.63
N LYS E 27 -35.14 -27.28 25.69
CA LYS E 27 -35.65 -26.01 26.23
C LYS E 27 -35.32 -24.80 25.35
N SER E 28 -34.06 -24.64 24.99
CA SER E 28 -33.61 -23.47 24.23
C SER E 28 -33.33 -23.77 22.75
N ALA E 29 -33.56 -22.76 21.90
CA ALA E 29 -33.35 -22.87 20.45
C ALA E 29 -32.74 -21.60 19.86
N PHE E 30 -31.73 -21.78 19.01
CA PHE E 30 -31.05 -20.67 18.34
C PHE E 30 -31.62 -20.44 16.95
N CYS E 31 -32.19 -19.26 16.73
CA CYS E 31 -32.88 -18.96 15.47
C CYS E 31 -32.36 -17.71 14.78
N THR E 32 -32.65 -17.61 13.48
CA THR E 32 -32.40 -16.39 12.71
C THR E 32 -33.39 -15.31 13.12
N ARG E 33 -33.04 -14.04 12.87
CA ARG E 33 -33.76 -12.91 13.45
C ARG E 33 -34.54 -12.07 12.42
N LYS E 34 -35.25 -12.75 11.53
CA LYS E 34 -36.05 -12.10 10.48
C LYS E 34 -37.47 -11.87 10.99
N LEU E 35 -38.20 -10.96 10.35
CA LEU E 35 -39.59 -10.72 10.72
C LEU E 35 -40.57 -11.51 9.85
N CYS E 36 -41.55 -12.12 10.50
CA CYS E 36 -42.58 -12.90 9.81
C CYS E 36 -43.90 -12.14 9.77
N TYR E 37 -44.82 -12.63 8.95
CA TYR E 37 -46.19 -12.14 8.95
C TYR E 37 -47.17 -13.31 8.83
N GLN E 38 -46.61 -14.50 8.59
CA GLN E 38 -47.38 -15.73 8.40
C GLN E 38 -48.10 -16.16 9.67
N THR F 6 -5.68 -26.04 30.46
CA THR F 6 -5.51 -27.43 29.92
C THR F 6 -4.38 -27.51 28.90
N CYS F 7 -3.72 -28.67 28.86
CA CYS F 7 -2.55 -28.89 28.03
C CYS F 7 -2.13 -30.35 28.05
N GLU F 8 -2.17 -30.99 26.89
CA GLU F 8 -1.73 -32.39 26.76
C GLU F 8 -0.21 -32.43 26.58
N PRO F 9 0.52 -32.95 27.58
CA PRO F 9 1.99 -32.84 27.66
C PRO F 9 2.71 -33.39 26.44
N GLY F 10 3.70 -32.66 25.96
CA GLY F 10 4.48 -33.04 24.78
C GLY F 10 3.96 -32.48 23.48
N THR F 11 2.63 -32.49 23.31
CA THR F 11 1.99 -32.14 22.03
C THR F 11 2.08 -30.67 21.64
N THR F 12 1.87 -30.40 20.35
CA THR F 12 1.88 -29.03 19.81
C THR F 12 0.47 -28.66 19.33
N PHE F 13 -0.03 -27.53 19.81
CA PHE F 13 -1.36 -27.03 19.45
C PHE F 13 -1.32 -25.53 19.19
N LYS F 14 -2.40 -25.00 18.63
CA LYS F 14 -2.49 -23.57 18.35
C LYS F 14 -3.31 -22.81 19.40
N ASP F 15 -2.78 -21.69 19.87
CA ASP F 15 -3.54 -20.78 20.73
C ASP F 15 -3.89 -19.52 19.93
N LYS F 16 -5.12 -19.50 19.42
CA LYS F 16 -5.60 -18.49 18.47
C LYS F 16 -4.81 -18.62 17.16
N CYS F 17 -4.20 -17.52 16.72
CA CYS F 17 -3.37 -17.53 15.53
C CYS F 17 -1.92 -17.97 15.83
N ASN F 18 -1.60 -18.11 17.11
CA ASN F 18 -0.28 -18.55 17.57
C ASN F 18 -0.16 -20.07 17.72
N THR F 19 1.07 -20.55 17.81
CA THR F 19 1.37 -21.98 17.96
C THR F 19 2.09 -22.25 19.28
N CYS F 20 1.63 -23.27 19.99
CA CYS F 20 2.17 -23.61 21.31
C CYS F 20 2.73 -25.02 21.39
N ARG F 21 3.71 -25.20 22.28
CA ARG F 21 4.17 -26.51 22.67
C ARG F 21 3.78 -26.77 24.12
N CYS F 22 3.44 -28.02 24.43
CA CYS F 22 3.09 -28.41 25.79
C CYS F 22 4.29 -28.99 26.53
N GLY F 23 4.57 -28.44 27.71
CA GLY F 23 5.69 -28.91 28.52
C GLY F 23 5.40 -30.24 29.18
N SER F 24 6.39 -30.77 29.88
CA SER F 24 6.23 -31.99 30.67
C SER F 24 5.01 -31.86 31.59
N ASP F 25 4.96 -30.76 32.35
CA ASP F 25 3.78 -30.40 33.13
C ASP F 25 2.68 -29.90 32.19
N GLY F 26 1.48 -30.45 32.34
CA GLY F 26 0.35 -30.09 31.50
C GLY F 26 -0.31 -28.77 31.85
N LYS F 27 0.46 -27.88 32.47
CA LYS F 27 -0.03 -26.57 32.86
C LYS F 27 0.90 -25.46 32.36
N SER F 28 1.89 -25.85 31.58
CA SER F 28 2.86 -24.92 31.00
C SER F 28 2.90 -25.06 29.47
N ALA F 29 2.76 -23.93 28.77
CA ALA F 29 2.71 -23.93 27.31
C ALA F 29 3.59 -22.85 26.70
N PHE F 30 4.34 -23.22 25.66
CA PHE F 30 5.29 -22.31 25.00
C PHE F 30 4.80 -21.85 23.63
N CYS F 31 4.46 -20.56 23.53
CA CYS F 31 3.82 -20.02 22.33
C CYS F 31 4.55 -18.82 21.75
N THR F 32 4.40 -18.62 20.44
CA THR F 32 4.90 -17.42 19.75
C THR F 32 4.08 -16.17 20.14
N ARG F 33 4.62 -14.99 19.89
CA ARG F 33 4.08 -13.77 20.49
C ARG F 33 3.50 -12.77 19.48
N LYS F 34 2.56 -13.25 18.67
CA LYS F 34 1.88 -12.45 17.66
C LYS F 34 0.44 -12.18 18.11
N LEU F 35 -0.05 -10.96 17.85
CA LEU F 35 -1.45 -10.63 18.15
C LEU F 35 -2.44 -11.29 17.19
N CYS F 36 -3.55 -11.79 17.73
CA CYS F 36 -4.60 -12.40 16.93
C CYS F 36 -5.84 -11.53 16.89
N TYR F 37 -6.58 -11.60 15.78
CA TYR F 37 -7.67 -10.68 15.57
C TYR F 37 -8.95 -11.34 15.05
N GLN F 38 -8.80 -12.46 14.37
CA GLN F 38 -9.92 -13.13 13.73
C GLN F 38 -11.08 -13.38 14.70
#